data_1BWF
#
_entry.id   1BWF
#
_cell.length_a   99.767
_cell.length_b   200.293
_cell.length_c   114.738
_cell.angle_alpha   90.00
_cell.angle_beta   90.00
_cell.angle_gamma   90.00
#
_symmetry.space_group_name_H-M   'C 2 2 21'
#
loop_
_entity.id
_entity.type
_entity.pdbx_description
1 polymer 'GLYCEROL KINASE'
2 non-polymer 'MAGNESIUM ION'
3 non-polymer 'PHOSPHODIFLUOROMETHYLPHOSPHONIC ACID-ADENYLATE ESTER'
4 non-polymer GLYCEROL
#
_entity_poly.entity_id   1
_entity_poly.type   'polypeptide(L)'
_entity_poly.pdbx_seq_one_letter_code
;TEKKYIVALDQGTTSSRAVVMDHDANIISVSQREFEQIYPKPGWVEHDPMEIWATQSWTLVEVLAKADISSDQIAAIGIT
NQRETTIVWEKETGKPIYNAIVWQCRRTAEICEHLKRDGLEDYIRSNTGLVIDPYFSGTKVKWILDHVEGSRERARRGEL
LFGTVDTWLIWKMTQGRVHVTDYTNASRTMLFNIHTLDWDDKMLEVLDIPREMLPEVRRSSEVYGQTNIGGKGGTRIPIS
GIAGDQQAALFGQLCVKEGMAKNTYGTGCFMLMNTGEKAVKSENGLLTTIACGPTGEVNYALEGAVFMAGASIQWLRDEM
KLINDAYDSEYFATKVQNTNGVYVVPAFTGLGAPYWDPYARGAIFGLTRGVNANHIIRATLESIAYQTRDVLEAMQADSG
IRLHALRVDGGAVANNFLMQFQSDILGTRVERPEVREVTALGAAYLAGLAVGFWQNLDELQEKAVIEREFRPGIETTERN
YRYAGWKKAVKRAMAWEEHDE
;
_entity_poly.pdbx_strand_id   Y,O
#
# COMPACT_ATOMS: atom_id res chain seq x y z
N GLU A 2 -8.33 -57.45 -0.84
CA GLU A 2 -8.21 -57.18 -2.28
C GLU A 2 -8.09 -55.65 -2.62
N LYS A 3 -9.24 -54.93 -2.72
CA LYS A 3 -9.33 -53.49 -3.03
C LYS A 3 -10.18 -52.77 -1.97
N LYS A 4 -9.45 -52.19 -1.03
CA LYS A 4 -9.94 -51.51 0.18
C LYS A 4 -10.04 -49.98 0.08
N TYR A 5 -9.25 -49.43 -0.87
CA TYR A 5 -9.23 -48.00 -1.01
C TYR A 5 -9.44 -47.35 -2.32
N ILE A 6 -9.46 -46.03 -2.11
CA ILE A 6 -9.66 -45.07 -3.15
C ILE A 6 -8.81 -43.82 -2.89
N VAL A 7 -8.31 -43.40 -4.02
CA VAL A 7 -7.44 -42.27 -4.12
C VAL A 7 -8.01 -41.07 -4.79
N ALA A 8 -7.93 -39.94 -4.11
CA ALA A 8 -8.42 -38.74 -4.75
C ALA A 8 -7.22 -38.01 -5.35
N LEU A 9 -7.42 -37.28 -6.42
CA LEU A 9 -6.29 -36.56 -6.95
C LEU A 9 -6.71 -35.12 -6.89
N ASP A 10 -5.75 -34.25 -6.56
CA ASP A 10 -6.08 -32.86 -6.40
C ASP A 10 -5.03 -31.95 -6.95
N GLN A 11 -5.32 -31.48 -8.14
CA GLN A 11 -4.47 -30.51 -8.80
C GLN A 11 -4.96 -29.11 -8.44
N GLY A 12 -4.28 -28.45 -7.46
CA GLY A 12 -4.61 -27.14 -6.91
C GLY A 12 -3.82 -26.02 -7.54
N THR A 13 -4.36 -24.85 -7.40
CA THR A 13 -3.73 -23.71 -8.01
C THR A 13 -2.26 -23.62 -7.72
N THR A 14 -1.92 -23.98 -6.47
CA THR A 14 -0.59 -23.86 -5.97
C THR A 14 0.12 -25.12 -5.62
N SER A 15 -0.56 -26.25 -5.65
CA SER A 15 0.11 -27.50 -5.32
C SER A 15 -0.59 -28.73 -5.80
N SER A 16 0.17 -29.77 -6.05
CA SER A 16 -0.45 -31.00 -6.42
C SER A 16 -0.73 -31.76 -5.13
N ARG A 17 -1.78 -32.55 -5.08
CA ARG A 17 -2.06 -33.37 -3.93
C ARG A 17 -2.58 -34.74 -4.29
N ALA A 18 -2.37 -35.66 -3.35
CA ALA A 18 -2.82 -37.06 -3.36
C ALA A 18 -3.49 -37.39 -2.03
N VAL A 19 -4.69 -37.97 -2.08
CA VAL A 19 -5.31 -38.39 -0.83
C VAL A 19 -5.73 -39.88 -0.92
N VAL A 20 -5.66 -40.56 0.26
CA VAL A 20 -6.11 -41.96 0.34
C VAL A 20 -7.16 -42.29 1.43
N MET A 21 -8.15 -43.10 1.01
CA MET A 21 -9.23 -43.45 1.93
C MET A 21 -9.94 -44.79 1.77
N ASP A 22 -10.40 -45.25 2.94
CA ASP A 22 -11.16 -46.46 3.18
C ASP A 22 -12.63 -46.35 3.05
N HIS A 23 -13.26 -47.46 3.17
CA HIS A 23 -14.68 -47.47 3.13
C HIS A 23 -15.33 -46.62 4.19
N ASP A 24 -14.61 -46.36 5.22
CA ASP A 24 -15.29 -45.56 6.18
C ASP A 24 -15.00 -44.18 5.84
N ALA A 25 -14.24 -44.10 4.76
CA ALA A 25 -13.84 -42.80 4.25
C ALA A 25 -12.91 -42.12 5.22
N ASN A 26 -11.98 -42.90 5.68
CA ASN A 26 -11.04 -42.34 6.56
C ASN A 26 -9.96 -41.93 5.65
N ILE A 27 -9.46 -40.77 5.93
CA ILE A 27 -8.42 -40.31 5.04
C ILE A 27 -7.18 -40.95 5.65
N ILE A 28 -6.68 -41.84 4.85
CA ILE A 28 -5.55 -42.65 5.24
C ILE A 28 -4.23 -41.91 5.12
N SER A 29 -3.96 -41.33 3.96
CA SER A 29 -2.72 -40.62 3.85
C SER A 29 -2.79 -39.52 2.81
N VAL A 30 -1.86 -38.59 2.95
CA VAL A 30 -1.81 -37.41 2.12
C VAL A 30 -0.45 -36.99 1.57
N SER A 31 -0.12 -37.30 0.33
CA SER A 31 1.11 -36.75 -0.23
C SER A 31 0.79 -35.35 -0.83
N GLN A 32 1.79 -34.49 -1.03
CA GLN A 32 1.42 -33.16 -1.54
C GLN A 32 2.56 -32.25 -1.99
N ARG A 33 2.93 -32.23 -3.29
CA ARG A 33 4.03 -31.33 -3.71
C ARG A 33 3.59 -30.03 -4.49
N GLU A 34 4.03 -28.90 -3.90
CA GLU A 34 3.96 -27.51 -4.34
C GLU A 34 4.65 -27.28 -5.68
N PHE A 35 4.08 -26.40 -6.50
CA PHE A 35 4.66 -26.03 -7.79
C PHE A 35 4.67 -24.52 -7.89
N GLU A 36 5.52 -24.08 -8.83
CA GLU A 36 5.88 -22.69 -9.11
C GLU A 36 4.89 -21.84 -9.87
N GLN A 37 4.59 -20.70 -9.28
CA GLN A 37 3.74 -19.69 -9.84
C GLN A 37 4.51 -18.73 -10.67
N ILE A 38 4.02 -18.54 -11.84
CA ILE A 38 4.67 -17.70 -12.77
C ILE A 38 3.92 -16.50 -13.15
N TYR A 39 4.55 -15.37 -12.94
CA TYR A 39 3.98 -14.11 -13.34
C TYR A 39 4.76 -13.59 -14.46
N PRO A 40 4.52 -14.05 -15.67
CA PRO A 40 5.28 -13.59 -16.83
C PRO A 40 5.29 -12.07 -16.83
N LYS A 41 4.23 -11.50 -16.30
CA LYS A 41 4.14 -10.06 -16.17
C LYS A 41 2.90 -9.75 -15.36
N PRO A 42 2.93 -8.65 -14.70
CA PRO A 42 1.88 -8.18 -13.83
C PRO A 42 0.49 -8.28 -14.43
N GLY A 43 -0.29 -9.06 -13.72
CA GLY A 43 -1.65 -9.41 -14.09
C GLY A 43 -1.70 -10.69 -14.91
N TRP A 44 -0.52 -11.30 -15.08
CA TRP A 44 -0.35 -12.54 -15.77
C TRP A 44 0.08 -13.58 -14.78
N VAL A 45 -0.46 -14.78 -15.00
CA VAL A 45 -0.19 -15.94 -14.23
C VAL A 45 -0.15 -17.24 -15.05
N GLU A 46 0.96 -17.98 -14.94
CA GLU A 46 1.04 -19.23 -15.65
C GLU A 46 1.61 -20.30 -14.79
N HIS A 47 1.44 -21.51 -15.25
CA HIS A 47 1.97 -22.66 -14.61
C HIS A 47 2.78 -23.51 -15.56
N ASP A 48 3.61 -24.45 -15.02
CA ASP A 48 4.24 -25.38 -15.93
C ASP A 48 3.46 -26.66 -15.99
N PRO A 49 2.81 -26.84 -17.08
CA PRO A 49 2.00 -28.00 -17.35
C PRO A 49 2.69 -29.26 -16.92
N MET A 50 3.92 -29.40 -17.32
CA MET A 50 4.68 -30.55 -16.87
C MET A 50 4.85 -30.52 -15.36
N GLU A 51 5.42 -29.40 -14.87
CA GLU A 51 5.54 -29.30 -13.45
C GLU A 51 4.22 -29.63 -12.83
N ILE A 52 3.12 -29.30 -13.50
CA ILE A 52 1.86 -29.65 -12.91
C ILE A 52 1.86 -31.11 -12.81
N TRP A 53 1.80 -31.61 -14.03
CA TRP A 53 1.88 -33.02 -14.31
C TRP A 53 2.73 -33.78 -13.32
N ALA A 54 4.01 -33.47 -13.40
CA ALA A 54 4.98 -34.09 -12.58
C ALA A 54 4.59 -34.08 -11.12
N THR A 55 4.51 -32.89 -10.55
CA THR A 55 4.15 -32.82 -9.15
C THR A 55 2.84 -33.50 -8.87
N GLN A 56 2.05 -33.81 -9.91
CA GLN A 56 0.83 -34.53 -9.60
C GLN A 56 1.09 -36.01 -9.49
N SER A 57 2.01 -36.44 -10.35
CA SER A 57 2.46 -37.80 -10.45
C SER A 57 3.13 -38.32 -9.18
N TRP A 58 3.80 -37.47 -8.41
CA TRP A 58 4.43 -37.99 -7.21
C TRP A 58 3.46 -38.15 -6.08
N THR A 59 2.76 -37.08 -5.73
CA THR A 59 1.81 -37.22 -4.66
C THR A 59 1.28 -38.66 -4.76
N LEU A 60 0.75 -39.04 -5.94
CA LEU A 60 0.24 -40.40 -6.26
C LEU A 60 0.97 -41.47 -5.45
N VAL A 61 2.19 -41.68 -5.86
CA VAL A 61 3.23 -42.52 -5.31
C VAL A 61 3.43 -42.28 -3.83
N GLU A 62 4.17 -41.25 -3.58
CA GLU A 62 4.36 -40.83 -2.23
C GLU A 62 3.18 -41.34 -1.44
N VAL A 63 1.93 -41.05 -1.82
CA VAL A 63 0.91 -41.59 -0.95
C VAL A 63 0.94 -43.08 -0.88
N LEU A 64 0.56 -43.70 -1.98
CA LEU A 64 0.65 -45.13 -2.07
C LEU A 64 1.76 -45.63 -1.19
N ALA A 65 2.92 -45.37 -1.73
CA ALA A 65 4.18 -45.73 -1.15
C ALA A 65 4.28 -45.58 0.39
N LYS A 66 3.88 -44.46 0.97
CA LYS A 66 4.02 -44.34 2.42
C LYS A 66 2.86 -44.97 3.22
N ALA A 67 2.09 -45.86 2.57
CA ALA A 67 1.01 -46.56 3.25
C ALA A 67 1.16 -48.05 3.11
N ASP A 68 2.11 -48.37 2.24
CA ASP A 68 2.40 -49.75 1.94
C ASP A 68 1.20 -50.26 1.23
N ILE A 69 0.54 -49.34 0.57
CA ILE A 69 -0.62 -49.72 -0.16
C ILE A 69 -0.19 -50.04 -1.54
N SER A 70 -0.91 -50.92 -2.19
CA SER A 70 -0.53 -51.29 -3.53
C SER A 70 -1.68 -51.17 -4.51
N SER A 71 -1.27 -50.91 -5.76
CA SER A 71 -2.14 -50.78 -6.92
C SER A 71 -3.44 -51.59 -6.80
N ASP A 72 -3.34 -52.71 -6.12
CA ASP A 72 -4.43 -53.62 -5.90
C ASP A 72 -5.44 -53.29 -4.77
N GLN A 73 -5.05 -52.60 -3.70
CA GLN A 73 -6.11 -52.46 -2.70
C GLN A 73 -6.97 -51.28 -3.01
N ILE A 74 -6.60 -50.61 -4.07
CA ILE A 74 -7.44 -49.51 -4.43
C ILE A 74 -8.31 -49.78 -5.66
N ALA A 75 -9.55 -49.42 -5.47
CA ALA A 75 -10.54 -49.57 -6.50
C ALA A 75 -10.33 -48.54 -7.63
N ALA A 76 -10.64 -47.27 -7.32
CA ALA A 76 -10.53 -46.19 -8.27
C ALA A 76 -9.70 -44.98 -7.89
N ILE A 77 -9.73 -44.12 -8.89
CA ILE A 77 -9.12 -42.84 -8.87
C ILE A 77 -10.12 -41.77 -9.23
N GLY A 78 -10.37 -40.91 -8.24
CA GLY A 78 -11.24 -39.74 -8.39
C GLY A 78 -10.37 -38.53 -8.82
N ILE A 79 -10.94 -37.52 -9.47
CA ILE A 79 -10.08 -36.44 -9.93
C ILE A 79 -10.59 -35.00 -9.84
N THR A 80 -9.99 -34.13 -8.97
CA THR A 80 -10.34 -32.69 -8.94
C THR A 80 -9.24 -31.73 -9.34
N ASN A 81 -9.67 -30.62 -9.90
CA ASN A 81 -8.62 -29.75 -10.31
C ASN A 81 -9.02 -28.34 -10.20
N GLN A 82 -8.02 -27.48 -10.51
CA GLN A 82 -8.17 -26.06 -10.49
C GLN A 82 -8.93 -25.78 -11.75
N ARG A 83 -9.93 -24.94 -11.59
CA ARG A 83 -10.85 -24.81 -12.65
C ARG A 83 -10.64 -23.90 -13.85
N GLU A 84 -9.75 -22.96 -14.03
CA GLU A 84 -10.20 -22.52 -15.42
C GLU A 84 -9.15 -22.65 -16.48
N THR A 85 -7.97 -22.72 -15.89
CA THR A 85 -6.68 -22.94 -16.43
C THR A 85 -6.76 -23.85 -17.63
N THR A 86 -6.10 -23.37 -18.71
CA THR A 86 -6.08 -23.90 -20.07
C THR A 86 -4.78 -24.48 -20.57
N ILE A 87 -4.88 -25.64 -21.21
CA ILE A 87 -3.70 -26.27 -21.79
C ILE A 87 -3.88 -26.68 -23.23
N VAL A 88 -2.80 -26.58 -23.93
CA VAL A 88 -2.86 -26.95 -25.31
C VAL A 88 -1.59 -27.63 -25.72
N TRP A 89 -1.72 -28.87 -26.11
CA TRP A 89 -0.50 -29.52 -26.47
C TRP A 89 -0.50 -30.25 -27.79
N GLU A 90 0.76 -30.51 -28.17
CA GLU A 90 1.11 -31.33 -29.29
C GLU A 90 0.67 -32.74 -28.89
N LYS A 91 -0.01 -33.46 -29.80
CA LYS A 91 -0.55 -34.80 -29.50
C LYS A 91 0.29 -35.97 -29.93
N GLU A 92 0.87 -35.87 -31.09
CA GLU A 92 1.67 -36.99 -31.40
C GLU A 92 2.65 -37.07 -30.28
N THR A 93 3.27 -35.92 -30.18
CA THR A 93 4.34 -35.62 -29.25
C THR A 93 3.94 -35.52 -27.77
N GLY A 94 2.72 -35.09 -27.45
CA GLY A 94 2.30 -34.96 -26.05
C GLY A 94 2.99 -33.79 -25.31
N LYS A 95 3.15 -32.69 -25.99
CA LYS A 95 3.82 -31.61 -25.31
C LYS A 95 3.22 -30.20 -25.56
N PRO A 96 3.09 -29.49 -24.41
CA PRO A 96 2.51 -28.18 -24.37
C PRO A 96 3.15 -27.35 -25.37
N ILE A 97 2.35 -26.59 -26.01
CA ILE A 97 2.86 -25.66 -27.00
C ILE A 97 2.84 -24.26 -26.37
N TYR A 98 2.62 -24.23 -25.04
CA TYR A 98 2.53 -23.02 -24.25
C TYR A 98 2.08 -23.34 -22.89
N ASN A 99 2.69 -22.68 -21.94
CA ASN A 99 2.42 -22.77 -20.52
C ASN A 99 0.94 -22.63 -20.16
N ALA A 100 0.51 -23.34 -19.09
CA ALA A 100 -0.89 -23.21 -18.72
C ALA A 100 -1.25 -21.81 -18.35
N ILE A 101 -2.40 -21.36 -18.84
CA ILE A 101 -2.78 -20.05 -18.40
C ILE A 101 -3.82 -20.24 -17.31
N VAL A 102 -3.49 -19.68 -16.19
CA VAL A 102 -4.29 -19.89 -15.03
C VAL A 102 -5.55 -19.05 -15.01
N TRP A 103 -6.56 -19.56 -14.29
CA TRP A 103 -7.77 -18.84 -14.32
C TRP A 103 -7.64 -17.36 -13.96
N GLN A 104 -6.88 -17.14 -12.93
CA GLN A 104 -6.69 -15.85 -12.33
C GLN A 104 -5.98 -14.91 -13.31
N CYS A 105 -5.21 -15.50 -14.21
CA CYS A 105 -4.59 -14.68 -15.21
C CYS A 105 -5.47 -13.72 -15.98
N ARG A 106 -5.14 -12.45 -15.99
CA ARG A 106 -5.87 -11.44 -16.75
C ARG A 106 -5.33 -11.02 -18.14
N ARG A 107 -4.45 -11.75 -18.77
CA ARG A 107 -3.97 -11.28 -20.07
C ARG A 107 -5.00 -11.12 -21.22
N THR A 108 -6.16 -11.84 -21.23
CA THR A 108 -7.23 -11.83 -22.27
C THR A 108 -8.23 -10.70 -22.13
N ALA A 109 -7.86 -9.73 -21.39
CA ALA A 109 -8.72 -8.60 -21.28
C ALA A 109 -9.06 -7.94 -22.60
N GLU A 110 -8.07 -7.52 -23.46
CA GLU A 110 -8.38 -6.85 -24.75
C GLU A 110 -9.54 -7.56 -25.47
N ILE A 111 -9.28 -8.77 -25.80
CA ILE A 111 -10.22 -9.67 -26.32
C ILE A 111 -11.54 -9.52 -25.76
N CYS A 112 -11.57 -9.87 -24.52
CA CYS A 112 -12.74 -9.78 -23.79
C CYS A 112 -13.48 -8.51 -24.19
N GLU A 113 -12.76 -7.41 -24.37
CA GLU A 113 -13.47 -6.22 -24.71
C GLU A 113 -14.17 -6.32 -26.05
N HIS A 114 -13.46 -6.83 -27.03
CA HIS A 114 -14.07 -7.01 -28.33
C HIS A 114 -15.36 -7.73 -28.16
N LEU A 115 -15.28 -8.89 -27.59
CA LEU A 115 -16.54 -9.59 -27.36
C LEU A 115 -17.65 -8.67 -26.87
N LYS A 116 -17.37 -7.95 -25.78
CA LYS A 116 -18.29 -6.99 -25.19
C LYS A 116 -19.04 -6.12 -26.19
N ARG A 117 -18.35 -5.43 -27.12
CA ARG A 117 -19.17 -4.62 -28.02
C ARG A 117 -19.59 -5.25 -29.35
N ASP A 118 -20.06 -6.50 -29.27
CA ASP A 118 -20.60 -7.30 -30.36
C ASP A 118 -21.90 -7.91 -29.81
N GLY A 119 -22.32 -7.32 -28.67
CA GLY A 119 -23.56 -7.64 -27.96
C GLY A 119 -23.67 -9.08 -27.51
N LEU A 120 -22.51 -9.68 -27.26
CA LEU A 120 -22.50 -11.08 -26.86
C LEU A 120 -22.80 -11.35 -25.40
N GLU A 121 -22.83 -10.33 -24.58
CA GLU A 121 -23.10 -10.60 -23.19
C GLU A 121 -24.28 -11.58 -23.00
N ASP A 122 -25.44 -11.34 -23.60
CA ASP A 122 -26.52 -12.28 -23.30
C ASP A 122 -26.34 -13.68 -23.71
N TYR A 123 -25.89 -13.88 -24.90
CA TYR A 123 -25.73 -15.21 -25.33
C TYR A 123 -24.87 -16.01 -24.38
N ILE A 124 -23.82 -15.35 -23.89
CA ILE A 124 -22.90 -15.96 -22.97
C ILE A 124 -23.64 -16.19 -21.68
N ARG A 125 -24.22 -15.09 -21.24
CA ARG A 125 -24.93 -15.12 -20.00
C ARG A 125 -26.01 -16.15 -20.05
N SER A 126 -26.58 -16.32 -21.23
CA SER A 126 -27.67 -17.20 -21.45
C SER A 126 -27.36 -18.63 -21.71
N ASN A 127 -26.33 -18.87 -22.47
CA ASN A 127 -26.08 -20.23 -22.87
C ASN A 127 -25.04 -20.89 -22.06
N THR A 128 -24.13 -20.03 -21.63
CA THR A 128 -23.05 -20.53 -20.85
C THR A 128 -23.26 -20.33 -19.38
N GLY A 129 -24.04 -19.32 -19.00
CA GLY A 129 -24.26 -19.08 -17.58
C GLY A 129 -23.13 -18.19 -17.08
N LEU A 130 -22.16 -17.94 -17.94
CA LEU A 130 -21.11 -17.11 -17.49
C LEU A 130 -21.34 -15.64 -17.60
N VAL A 131 -20.24 -14.98 -17.92
CA VAL A 131 -20.09 -13.53 -18.00
C VAL A 131 -18.81 -13.27 -18.83
N ILE A 132 -18.68 -12.12 -19.54
CA ILE A 132 -17.45 -11.89 -20.31
C ILE A 132 -16.32 -11.48 -19.36
N ASP A 133 -15.27 -12.30 -19.29
CA ASP A 133 -14.16 -12.09 -18.36
C ASP A 133 -13.01 -13.02 -18.67
N PRO A 134 -11.81 -12.55 -18.37
CA PRO A 134 -10.66 -13.38 -18.71
C PRO A 134 -10.60 -14.61 -17.77
N TYR A 135 -11.49 -14.65 -16.86
CA TYR A 135 -11.54 -15.79 -15.99
C TYR A 135 -11.62 -17.10 -16.71
N PHE A 136 -12.65 -17.19 -17.54
CA PHE A 136 -12.94 -18.40 -18.32
C PHE A 136 -12.15 -18.53 -19.56
N SER A 137 -11.91 -19.82 -19.84
CA SER A 137 -11.05 -20.40 -20.88
C SER A 137 -11.13 -20.01 -22.34
N GLY A 138 -12.34 -19.88 -22.88
CA GLY A 138 -12.45 -19.51 -24.29
C GLY A 138 -11.27 -18.62 -24.75
N THR A 139 -11.33 -17.34 -24.25
CA THR A 139 -10.41 -16.25 -24.48
C THR A 139 -8.99 -16.71 -24.41
N LYS A 140 -8.73 -17.49 -23.35
CA LYS A 140 -7.39 -18.03 -23.07
C LYS A 140 -6.86 -18.77 -24.28
N VAL A 141 -7.66 -19.74 -24.64
CA VAL A 141 -7.41 -20.59 -25.75
C VAL A 141 -7.03 -19.82 -26.98
N LYS A 142 -7.94 -18.88 -27.28
CA LYS A 142 -7.80 -18.03 -28.44
C LYS A 142 -6.43 -17.42 -28.41
N TRP A 143 -6.28 -16.55 -27.38
CA TRP A 143 -5.02 -15.92 -27.07
C TRP A 143 -3.90 -16.81 -27.55
N ILE A 144 -3.82 -18.00 -26.98
CA ILE A 144 -2.80 -18.91 -27.44
C ILE A 144 -2.78 -19.09 -28.90
N LEU A 145 -3.89 -19.59 -29.39
CA LEU A 145 -4.00 -19.79 -30.80
C LEU A 145 -3.28 -18.76 -31.57
N ASP A 146 -3.75 -17.60 -31.35
CA ASP A 146 -3.15 -16.52 -32.04
C ASP A 146 -1.76 -16.23 -31.64
N HIS A 147 -1.14 -16.93 -30.69
CA HIS A 147 0.27 -16.58 -30.45
C HIS A 147 1.23 -17.66 -30.96
N VAL A 148 0.68 -18.80 -31.23
CA VAL A 148 1.49 -19.82 -31.80
C VAL A 148 1.21 -19.74 -33.28
N GLU A 149 2.19 -20.09 -34.08
CA GLU A 149 2.11 -19.96 -35.50
C GLU A 149 1.16 -20.82 -36.32
N GLY A 150 1.40 -22.11 -36.45
CA GLY A 150 0.49 -22.88 -37.27
C GLY A 150 -0.78 -23.19 -36.52
N SER A 151 -0.66 -23.12 -35.21
CA SER A 151 -1.71 -23.47 -34.25
C SER A 151 -3.06 -23.80 -34.90
N ARG A 152 -3.77 -22.79 -35.34
CA ARG A 152 -5.06 -23.11 -35.92
C ARG A 152 -4.94 -24.25 -36.94
N GLU A 153 -3.99 -24.14 -37.84
CA GLU A 153 -3.78 -25.23 -38.74
C GLU A 153 -3.89 -26.56 -38.02
N ARG A 154 -2.78 -27.00 -37.49
CA ARG A 154 -2.82 -28.25 -36.79
C ARG A 154 -3.98 -28.28 -35.90
N ALA A 155 -4.32 -27.15 -35.33
CA ALA A 155 -5.48 -27.22 -34.47
C ALA A 155 -6.51 -28.09 -35.17
N ARG A 156 -6.71 -27.61 -36.43
CA ARG A 156 -7.59 -28.06 -37.50
C ARG A 156 -7.26 -29.44 -38.02
N ARG A 157 -5.99 -29.73 -38.32
CA ARG A 157 -5.74 -31.11 -38.67
C ARG A 157 -5.81 -32.02 -37.42
N GLY A 158 -6.58 -31.58 -36.38
CA GLY A 158 -6.73 -32.27 -35.10
C GLY A 158 -5.38 -32.70 -34.57
N GLU A 159 -4.40 -31.89 -34.93
CA GLU A 159 -3.00 -32.02 -34.62
C GLU A 159 -2.71 -31.49 -33.23
N LEU A 160 -3.57 -30.59 -32.84
CA LEU A 160 -3.45 -29.92 -31.61
C LEU A 160 -4.53 -30.30 -30.71
N LEU A 161 -4.12 -30.44 -29.49
CA LEU A 161 -5.04 -30.81 -28.47
C LEU A 161 -5.27 -29.76 -27.38
N PHE A 162 -6.50 -29.69 -26.90
CA PHE A 162 -6.82 -28.76 -25.85
C PHE A 162 -7.45 -29.32 -24.62
N GLY A 163 -7.08 -28.82 -23.47
CA GLY A 163 -7.78 -29.26 -22.31
C GLY A 163 -7.49 -28.49 -21.03
N THR A 164 -8.41 -28.62 -20.10
CA THR A 164 -8.26 -28.17 -18.74
C THR A 164 -7.46 -29.17 -17.94
N VAL A 165 -7.26 -28.84 -16.70
CA VAL A 165 -6.37 -29.68 -15.95
C VAL A 165 -6.78 -31.14 -15.95
N ASP A 166 -7.97 -31.45 -15.46
CA ASP A 166 -8.48 -32.83 -15.51
C ASP A 166 -8.16 -33.47 -16.90
N THR A 167 -8.79 -32.89 -17.95
CA THR A 167 -8.57 -33.37 -19.26
C THR A 167 -7.10 -33.66 -19.47
N TRP A 168 -6.26 -32.81 -18.96
CA TRP A 168 -4.83 -32.99 -19.22
C TRP A 168 -4.16 -34.11 -18.46
N LEU A 169 -4.56 -34.22 -17.21
CA LEU A 169 -4.11 -35.26 -16.33
C LEU A 169 -4.35 -36.62 -16.89
N ILE A 170 -5.62 -36.87 -17.05
CA ILE A 170 -6.06 -38.11 -17.63
C ILE A 170 -5.25 -38.39 -18.88
N TRP A 171 -5.29 -37.49 -19.86
CA TRP A 171 -4.50 -37.74 -21.05
C TRP A 171 -3.15 -38.19 -20.67
N LYS A 172 -2.63 -37.63 -19.60
CA LYS A 172 -1.35 -38.06 -19.13
C LYS A 172 -1.48 -39.45 -18.49
N MET A 173 -2.35 -39.62 -17.52
CA MET A 173 -2.43 -40.95 -16.97
C MET A 173 -2.53 -42.09 -17.95
N THR A 174 -3.40 -41.88 -18.93
CA THR A 174 -3.73 -42.87 -19.94
C THR A 174 -2.89 -42.75 -21.19
N GLN A 175 -1.70 -42.21 -21.02
CA GLN A 175 -0.75 -42.05 -22.12
C GLN A 175 -1.25 -41.38 -23.40
N GLY A 176 -2.53 -41.41 -23.63
CA GLY A 176 -3.04 -40.78 -24.79
C GLY A 176 -4.35 -41.41 -25.14
N ARG A 177 -4.78 -42.34 -24.31
CA ARG A 177 -6.01 -43.04 -24.57
C ARG A 177 -7.25 -42.17 -24.54
N VAL A 178 -7.54 -41.61 -23.39
CA VAL A 178 -8.72 -40.79 -23.22
C VAL A 178 -8.51 -39.27 -23.29
N HIS A 179 -9.41 -38.63 -24.02
CA HIS A 179 -9.49 -37.17 -24.18
C HIS A 179 -10.89 -36.74 -23.83
N VAL A 180 -11.11 -36.60 -22.53
CA VAL A 180 -12.39 -36.26 -22.05
C VAL A 180 -12.29 -35.21 -20.95
N THR A 181 -13.46 -34.90 -20.44
CA THR A 181 -13.66 -33.99 -19.34
C THR A 181 -15.07 -34.10 -18.79
N ASP A 182 -15.29 -33.62 -17.59
CA ASP A 182 -16.62 -33.80 -17.11
C ASP A 182 -17.34 -32.53 -17.38
N TYR A 183 -18.57 -32.48 -16.96
CA TYR A 183 -19.41 -31.32 -17.20
C TYR A 183 -19.03 -30.05 -16.51
N THR A 184 -18.83 -30.20 -15.22
CA THR A 184 -18.55 -29.08 -14.37
C THR A 184 -17.52 -28.21 -14.96
N ASN A 185 -16.44 -28.91 -15.21
CA ASN A 185 -15.28 -28.34 -15.77
C ASN A 185 -15.62 -27.72 -17.13
N ALA A 186 -16.21 -28.49 -17.99
CA ALA A 186 -16.58 -28.01 -19.29
C ALA A 186 -17.27 -26.68 -19.18
N SER A 187 -18.20 -26.71 -18.19
CA SER A 187 -19.11 -25.66 -17.88
C SER A 187 -18.43 -24.32 -17.75
N ARG A 188 -17.19 -24.42 -17.35
CA ARG A 188 -16.25 -23.34 -17.06
C ARG A 188 -15.51 -22.69 -18.22
N THR A 189 -15.54 -23.29 -19.43
CA THR A 189 -14.79 -22.78 -20.57
C THR A 189 -15.29 -21.59 -21.30
N MET A 190 -16.61 -21.47 -21.20
CA MET A 190 -17.28 -20.45 -21.88
C MET A 190 -17.45 -20.81 -23.34
N LEU A 191 -17.36 -22.11 -23.62
CA LEU A 191 -17.66 -22.60 -24.96
C LEU A 191 -18.56 -23.83 -24.88
N PHE A 192 -19.51 -23.81 -23.92
CA PHE A 192 -20.36 -24.96 -23.77
C PHE A 192 -21.72 -24.61 -23.19
N ASN A 193 -22.76 -24.88 -24.05
CA ASN A 193 -24.12 -24.58 -23.76
C ASN A 193 -24.54 -25.50 -22.71
N ILE A 194 -25.09 -24.85 -21.68
CA ILE A 194 -25.44 -25.63 -20.54
C ILE A 194 -26.89 -25.96 -20.37
N HIS A 195 -27.57 -26.05 -21.48
CA HIS A 195 -28.96 -26.48 -21.62
C HIS A 195 -28.84 -27.12 -22.92
N THR A 196 -27.83 -27.95 -22.92
CA THR A 196 -27.40 -28.49 -24.15
C THR A 196 -26.32 -29.41 -23.89
N LEU A 197 -25.76 -29.16 -22.75
CA LEU A 197 -24.68 -29.99 -22.42
C LEU A 197 -23.81 -30.22 -23.64
N ASP A 198 -23.46 -29.13 -24.34
CA ASP A 198 -22.53 -29.32 -25.46
C ASP A 198 -21.79 -28.09 -25.93
N TRP A 199 -20.73 -28.36 -26.67
CA TRP A 199 -20.00 -27.28 -27.27
C TRP A 199 -20.91 -26.30 -27.98
N ASP A 200 -20.47 -25.08 -28.14
CA ASP A 200 -21.35 -24.13 -28.74
C ASP A 200 -20.65 -23.44 -29.88
N ASP A 201 -21.22 -23.77 -30.99
CA ASP A 201 -20.76 -23.37 -32.27
C ASP A 201 -20.46 -21.90 -32.26
N LYS A 202 -21.49 -21.13 -31.96
CA LYS A 202 -21.31 -19.71 -31.87
C LYS A 202 -19.91 -19.41 -31.37
N MET A 203 -19.78 -19.70 -30.09
CA MET A 203 -18.58 -19.50 -29.32
C MET A 203 -17.41 -19.96 -30.13
N LEU A 204 -17.52 -21.23 -30.46
CA LEU A 204 -16.54 -21.90 -31.24
C LEU A 204 -16.08 -21.15 -32.39
N GLU A 205 -17.02 -20.55 -33.09
CA GLU A 205 -16.60 -19.77 -34.22
C GLU A 205 -16.14 -18.42 -33.74
N VAL A 206 -17.03 -17.77 -33.07
CA VAL A 206 -16.69 -16.47 -32.60
C VAL A 206 -15.27 -16.38 -32.05
N LEU A 207 -14.95 -17.39 -31.26
CA LEU A 207 -13.66 -17.47 -30.65
C LEU A 207 -12.68 -18.06 -31.66
N ASP A 208 -13.23 -18.63 -32.69
CA ASP A 208 -12.36 -19.15 -33.69
C ASP A 208 -11.50 -20.26 -33.15
N ILE A 209 -12.18 -21.24 -32.58
CA ILE A 209 -11.55 -22.41 -32.04
C ILE A 209 -12.05 -23.64 -32.77
N PRO A 210 -11.08 -24.48 -33.22
CA PRO A 210 -11.35 -25.67 -33.96
C PRO A 210 -11.79 -26.79 -33.09
N ARG A 211 -13.00 -27.33 -33.34
CA ARG A 211 -13.72 -28.44 -32.71
C ARG A 211 -12.98 -29.75 -32.50
N GLU A 212 -11.87 -29.82 -33.20
CA GLU A 212 -10.94 -30.93 -33.23
C GLU A 212 -10.02 -31.04 -32.01
N MET A 213 -9.77 -29.93 -31.32
CA MET A 213 -8.89 -29.97 -30.17
C MET A 213 -9.67 -30.16 -28.90
N LEU A 214 -10.97 -30.23 -29.06
CA LEU A 214 -11.78 -30.43 -27.88
C LEU A 214 -11.86 -31.88 -27.42
N PRO A 215 -12.19 -32.07 -26.15
CA PRO A 215 -12.30 -33.40 -25.59
C PRO A 215 -13.74 -33.83 -25.52
N GLU A 216 -13.96 -35.10 -25.20
CA GLU A 216 -15.31 -35.60 -25.03
C GLU A 216 -15.76 -35.01 -23.70
N VAL A 217 -17.05 -34.86 -23.51
CA VAL A 217 -17.59 -34.31 -22.26
C VAL A 217 -18.42 -35.35 -21.49
N ARG A 218 -17.97 -35.77 -20.31
CA ARG A 218 -18.77 -36.79 -19.67
C ARG A 218 -19.40 -36.35 -18.40
N ARG A 219 -19.98 -37.37 -17.76
CA ARG A 219 -20.63 -37.19 -16.48
C ARG A 219 -19.54 -37.30 -15.41
N SER A 220 -19.76 -36.58 -14.33
CA SER A 220 -18.82 -36.44 -13.26
C SER A 220 -18.38 -37.74 -12.62
N SER A 221 -19.30 -38.64 -12.43
CA SER A 221 -18.91 -39.93 -11.88
C SER A 221 -19.23 -41.01 -12.91
N GLU A 222 -18.19 -41.34 -13.67
CA GLU A 222 -18.32 -42.35 -14.69
C GLU A 222 -16.97 -42.95 -15.01
N VAL A 223 -16.98 -44.14 -15.54
CA VAL A 223 -15.70 -44.74 -15.76
C VAL A 223 -15.12 -44.35 -17.03
N TYR A 224 -14.06 -43.65 -16.86
CA TYR A 224 -13.48 -43.05 -17.99
C TYR A 224 -12.37 -43.83 -18.62
N GLY A 225 -11.85 -44.80 -17.85
CA GLY A 225 -10.75 -45.60 -18.37
C GLY A 225 -9.87 -46.13 -17.26
N GLN A 226 -8.65 -46.58 -17.59
CA GLN A 226 -7.81 -47.09 -16.52
C GLN A 226 -6.39 -46.63 -16.69
N THR A 227 -5.74 -46.65 -15.56
CA THR A 227 -4.39 -46.23 -15.45
C THR A 227 -3.47 -47.33 -15.16
N ASN A 228 -2.37 -47.34 -15.91
CA ASN A 228 -1.46 -48.33 -15.45
C ASN A 228 -0.55 -47.69 -14.43
N ILE A 229 -1.05 -47.98 -13.25
CA ILE A 229 -0.45 -47.65 -12.03
C ILE A 229 0.52 -48.78 -11.93
N GLY A 230 -0.07 -49.98 -12.01
CA GLY A 230 0.65 -51.24 -11.99
C GLY A 230 1.85 -51.17 -11.04
N THR A 235 -0.92 -53.61 -13.43
CA THR A 235 -1.95 -53.34 -12.41
C THR A 235 -2.79 -52.05 -12.66
N ARG A 236 -3.74 -52.19 -13.62
CA ARG A 236 -4.64 -51.17 -14.12
C ARG A 236 -5.62 -50.53 -13.16
N ILE A 237 -5.47 -49.25 -12.82
CA ILE A 237 -6.52 -48.71 -11.96
C ILE A 237 -7.44 -47.84 -12.78
N PRO A 238 -8.65 -47.72 -12.32
CA PRO A 238 -9.62 -46.93 -13.03
C PRO A 238 -9.78 -45.55 -12.44
N ILE A 239 -10.50 -44.75 -13.25
CA ILE A 239 -10.88 -43.35 -13.05
C ILE A 239 -12.36 -43.07 -13.30
N SER A 240 -13.07 -42.90 -12.20
CA SER A 240 -14.50 -42.73 -12.33
C SER A 240 -15.01 -41.43 -11.71
N GLY A 241 -14.10 -40.50 -11.56
CA GLY A 241 -14.51 -39.23 -11.02
C GLY A 241 -13.78 -38.04 -11.65
N ILE A 242 -14.58 -36.97 -11.76
CA ILE A 242 -14.15 -35.65 -12.17
C ILE A 242 -15.03 -34.55 -11.68
N ALA A 243 -14.36 -33.48 -11.31
CA ALA A 243 -14.96 -32.24 -10.89
C ALA A 243 -13.93 -31.17 -10.80
N GLY A 244 -14.46 -30.01 -10.87
CA GLY A 244 -13.62 -28.89 -10.63
C GLY A 244 -13.71 -28.80 -9.11
N ASP A 245 -12.59 -28.40 -8.53
CA ASP A 245 -12.50 -28.29 -7.10
C ASP A 245 -13.81 -27.93 -6.38
N GLN A 246 -14.29 -26.72 -6.57
CA GLN A 246 -15.46 -26.38 -5.81
C GLN A 246 -16.62 -27.28 -5.92
N GLN A 247 -16.92 -27.65 -7.12
CA GLN A 247 -18.09 -28.43 -7.25
C GLN A 247 -17.79 -29.68 -6.50
N ALA A 248 -16.60 -30.14 -6.72
CA ALA A 248 -16.14 -31.24 -5.88
C ALA A 248 -16.30 -30.92 -4.43
N ALA A 249 -15.90 -29.75 -4.07
CA ALA A 249 -16.06 -29.46 -2.67
C ALA A 249 -17.52 -29.47 -2.23
N LEU A 250 -18.38 -28.87 -3.02
CA LEU A 250 -19.79 -28.76 -2.72
C LEU A 250 -20.49 -30.08 -2.29
N PHE A 251 -20.09 -31.11 -3.07
CA PHE A 251 -20.54 -32.42 -2.95
C PHE A 251 -20.19 -33.01 -1.62
N GLY A 252 -18.87 -32.97 -1.29
CA GLY A 252 -18.25 -33.43 -0.04
C GLY A 252 -18.94 -32.83 1.20
N GLN A 253 -19.52 -31.65 0.99
CA GLN A 253 -20.21 -30.90 1.99
C GLN A 253 -21.66 -31.34 2.05
N LEU A 254 -21.89 -32.22 1.07
CA LEU A 254 -23.16 -32.81 0.85
C LEU A 254 -24.17 -31.72 0.55
N CYS A 255 -23.75 -30.67 -0.19
CA CYS A 255 -24.75 -29.66 -0.42
C CYS A 255 -25.44 -29.99 -1.68
N VAL A 256 -25.86 -31.23 -1.68
CA VAL A 256 -26.54 -31.91 -2.78
C VAL A 256 -28.08 -31.61 -2.96
N LYS A 257 -28.66 -30.59 -2.31
CA LYS A 257 -30.04 -30.31 -2.65
C LYS A 257 -30.28 -28.81 -2.56
N GLU A 258 -31.24 -28.37 -3.39
CA GLU A 258 -31.68 -27.01 -3.54
C GLU A 258 -31.43 -26.10 -2.33
N GLY A 259 -30.59 -25.04 -2.45
CA GLY A 259 -30.43 -24.06 -1.37
C GLY A 259 -29.29 -24.28 -0.40
N MET A 260 -28.55 -25.33 -0.66
CA MET A 260 -27.45 -25.63 0.18
C MET A 260 -26.25 -24.98 -0.43
N ALA A 261 -25.64 -24.20 0.42
CA ALA A 261 -24.51 -23.45 0.01
C ALA A 261 -23.38 -23.62 0.99
N LYS A 262 -22.17 -23.42 0.49
CA LYS A 262 -21.00 -23.49 1.31
C LYS A 262 -20.05 -22.43 0.92
N ASN A 263 -19.18 -22.10 1.83
CA ASN A 263 -18.19 -21.26 1.32
C ASN A 263 -16.88 -21.93 1.49
N THR A 264 -16.14 -21.85 0.47
CA THR A 264 -14.83 -22.37 0.61
C THR A 264 -13.78 -21.25 0.70
N TYR A 265 -12.72 -21.52 1.45
CA TYR A 265 -11.62 -20.63 1.71
C TYR A 265 -10.30 -21.22 1.34
N GLY A 266 -9.68 -20.77 0.23
CA GLY A 266 -8.35 -21.30 -0.18
C GLY A 266 -7.55 -20.25 -0.93
N THR A 267 -6.89 -20.63 -2.04
CA THR A 267 -6.14 -19.63 -2.81
C THR A 267 -7.10 -18.41 -3.05
N GLY A 268 -8.34 -18.73 -3.43
CA GLY A 268 -9.39 -17.76 -3.63
C GLY A 268 -10.58 -18.14 -2.73
N CYS A 269 -11.80 -17.70 -3.12
CA CYS A 269 -13.11 -17.95 -2.45
C CYS A 269 -14.27 -18.35 -3.37
N PHE A 270 -14.92 -19.44 -3.02
CA PHE A 270 -15.97 -19.82 -3.90
C PHE A 270 -17.11 -20.28 -3.13
N MET A 271 -18.05 -19.40 -3.19
CA MET A 271 -19.29 -19.61 -2.54
C MET A 271 -20.24 -20.25 -3.44
N LEU A 272 -20.67 -21.45 -3.12
CA LEU A 272 -21.61 -22.01 -4.09
C LEU A 272 -22.87 -22.37 -3.45
N MET A 273 -23.91 -22.40 -4.25
CA MET A 273 -25.22 -22.76 -3.72
C MET A 273 -26.00 -23.56 -4.74
N ASN A 274 -26.39 -24.76 -4.34
CA ASN A 274 -27.11 -25.61 -5.28
C ASN A 274 -28.51 -25.07 -5.73
N THR A 275 -28.75 -25.04 -7.06
CA THR A 275 -30.03 -24.61 -7.59
C THR A 275 -30.86 -25.82 -8.00
N GLY A 276 -30.37 -26.96 -7.62
CA GLY A 276 -31.07 -28.13 -8.00
C GLY A 276 -30.97 -28.24 -9.50
N GLU A 277 -32.06 -28.76 -10.08
CA GLU A 277 -32.30 -29.10 -11.50
C GLU A 277 -32.39 -27.97 -12.50
N LYS A 278 -32.82 -26.85 -11.98
CA LYS A 278 -33.08 -25.64 -12.67
C LYS A 278 -31.97 -24.63 -12.49
N ALA A 279 -31.74 -23.92 -13.56
CA ALA A 279 -30.69 -22.95 -13.57
C ALA A 279 -31.13 -21.53 -13.32
N VAL A 280 -30.79 -21.04 -12.16
CA VAL A 280 -31.14 -19.68 -11.86
C VAL A 280 -30.21 -18.69 -12.59
N LYS A 281 -30.74 -17.48 -12.95
CA LYS A 281 -29.91 -16.48 -13.62
C LYS A 281 -29.54 -15.28 -12.77
N SER A 282 -28.21 -15.06 -12.66
CA SER A 282 -27.71 -13.97 -11.85
C SER A 282 -28.19 -12.65 -12.39
N GLU A 283 -28.47 -11.79 -11.44
CA GLU A 283 -28.90 -10.45 -11.66
C GLU A 283 -27.90 -9.59 -10.97
N ASN A 284 -27.02 -10.28 -10.26
CA ASN A 284 -26.10 -9.61 -9.43
C ASN A 284 -24.67 -10.05 -9.49
N GLY A 285 -24.14 -10.26 -10.68
CA GLY A 285 -22.74 -10.57 -10.84
C GLY A 285 -22.30 -11.95 -10.43
N LEU A 286 -23.23 -12.86 -10.31
CA LEU A 286 -22.87 -14.22 -9.93
C LEU A 286 -22.78 -15.14 -11.12
N LEU A 287 -22.46 -16.37 -10.88
CA LEU A 287 -22.37 -17.32 -11.97
C LEU A 287 -23.29 -18.49 -11.81
N THR A 288 -23.73 -18.94 -12.97
CA THR A 288 -24.58 -20.06 -13.07
C THR A 288 -23.76 -21.12 -13.65
N THR A 289 -23.68 -22.19 -12.86
CA THR A 289 -22.89 -23.26 -13.32
C THR A 289 -23.56 -24.62 -13.03
N ILE A 290 -22.86 -25.63 -13.54
CA ILE A 290 -23.24 -27.00 -13.45
C ILE A 290 -22.72 -27.60 -12.16
N ALA A 291 -23.53 -28.40 -11.45
CA ALA A 291 -23.12 -29.02 -10.19
C ALA A 291 -23.41 -30.54 -10.14
N CYS A 292 -23.48 -31.08 -8.92
CA CYS A 292 -23.77 -32.49 -8.79
C CYS A 292 -25.01 -32.81 -8.00
N GLY A 293 -25.78 -33.67 -8.62
CA GLY A 293 -26.98 -34.16 -8.03
C GLY A 293 -26.54 -35.16 -7.01
N PRO A 294 -27.47 -35.71 -6.29
CA PRO A 294 -27.03 -36.60 -5.28
C PRO A 294 -26.43 -37.82 -5.89
N THR A 295 -26.70 -38.08 -7.16
CA THR A 295 -26.17 -39.32 -7.74
C THR A 295 -24.99 -39.15 -8.68
N GLY A 296 -24.46 -37.95 -8.76
CA GLY A 296 -23.39 -37.71 -9.68
C GLY A 296 -24.01 -37.22 -10.96
N GLU A 297 -25.33 -36.90 -10.85
CA GLU A 297 -26.12 -36.35 -11.96
C GLU A 297 -26.08 -34.83 -11.94
N VAL A 298 -26.30 -34.29 -13.09
CA VAL A 298 -26.29 -32.86 -13.30
C VAL A 298 -27.19 -32.04 -12.39
N ASN A 299 -26.59 -31.10 -11.76
CA ASN A 299 -27.32 -30.20 -10.95
C ASN A 299 -26.93 -28.77 -11.34
N TYR A 300 -27.53 -27.78 -10.70
CA TYR A 300 -27.13 -26.43 -11.01
C TYR A 300 -26.74 -25.69 -9.77
N ALA A 301 -25.87 -24.72 -9.97
CA ALA A 301 -25.53 -23.91 -8.83
C ALA A 301 -25.44 -22.43 -9.19
N LEU A 302 -25.38 -21.67 -8.13
CA LEU A 302 -25.21 -20.24 -8.07
C LEU A 302 -23.89 -19.94 -7.40
N GLU A 303 -22.93 -19.45 -8.20
CA GLU A 303 -21.58 -19.27 -7.73
C GLU A 303 -20.96 -17.90 -7.68
N GLY A 304 -20.42 -17.59 -6.51
CA GLY A 304 -19.63 -16.40 -6.33
C GLY A 304 -18.13 -16.78 -6.35
N ALA A 305 -17.34 -16.19 -7.27
CA ALA A 305 -15.91 -16.50 -7.33
C ALA A 305 -15.09 -15.31 -6.91
N VAL A 306 -14.32 -15.53 -5.86
CA VAL A 306 -13.44 -14.53 -5.35
C VAL A 306 -12.02 -14.89 -5.71
N PHE A 307 -11.28 -14.02 -6.42
CA PHE A 307 -9.93 -14.42 -6.80
C PHE A 307 -8.86 -14.56 -5.71
N MET A 308 -8.78 -13.60 -4.79
CA MET A 308 -7.71 -13.65 -3.78
C MET A 308 -8.09 -13.93 -2.37
N ALA A 309 -7.53 -14.96 -1.72
CA ALA A 309 -7.92 -15.08 -0.31
C ALA A 309 -6.78 -15.67 0.52
N GLY A 310 -6.63 -16.97 0.63
CA GLY A 310 -5.48 -17.43 1.40
C GLY A 310 -4.22 -16.84 0.79
N ALA A 311 -4.36 -16.62 -0.48
CA ALA A 311 -3.34 -16.10 -1.33
C ALA A 311 -2.80 -14.79 -0.81
N SER A 312 -3.73 -13.94 -0.42
CA SER A 312 -3.24 -12.70 0.04
C SER A 312 -2.32 -12.99 1.24
N ILE A 313 -2.64 -14.07 1.91
CA ILE A 313 -1.83 -14.44 3.05
C ILE A 313 -0.49 -15.02 2.60
N GLN A 314 -0.44 -15.91 1.58
CA GLN A 314 0.90 -16.36 1.25
C GLN A 314 1.85 -15.25 0.90
N TRP A 315 1.26 -14.27 0.23
CA TRP A 315 1.86 -13.03 -0.23
C TRP A 315 2.60 -12.36 0.87
N LEU A 316 1.82 -12.34 1.92
CA LEU A 316 2.31 -11.72 3.12
C LEU A 316 3.53 -12.42 3.57
N ARG A 317 3.40 -13.72 3.54
CA ARG A 317 4.41 -14.63 3.94
C ARG A 317 5.57 -14.67 3.00
N ASP A 318 5.29 -14.90 1.73
CA ASP A 318 6.43 -14.98 0.83
C ASP A 318 6.93 -13.74 0.15
N GLU A 319 6.14 -12.73 0.01
CA GLU A 319 6.72 -11.67 -0.70
C GLU A 319 7.09 -10.57 0.19
N MET A 320 6.08 -10.15 0.93
CA MET A 320 6.29 -9.11 1.87
C MET A 320 7.13 -9.60 2.98
N LYS A 321 6.88 -10.87 3.30
CA LYS A 321 7.48 -11.55 4.39
C LYS A 321 7.17 -10.99 5.77
N LEU A 322 5.94 -10.51 5.96
CA LEU A 322 5.59 -9.99 7.25
C LEU A 322 5.44 -11.10 8.28
N ILE A 323 5.29 -12.34 7.76
CA ILE A 323 5.17 -13.59 8.56
C ILE A 323 5.92 -14.77 7.97
N ASN A 324 5.91 -15.84 8.74
CA ASN A 324 6.60 -17.07 8.36
C ASN A 324 5.65 -18.27 8.21
N ASP A 325 4.46 -18.08 8.71
CA ASP A 325 3.45 -19.07 8.72
C ASP A 325 2.11 -18.57 8.38
N ALA A 326 1.40 -19.13 7.37
CA ALA A 326 0.02 -18.65 7.24
C ALA A 326 -0.53 -18.68 8.67
N TYR A 327 -0.24 -19.76 9.30
CA TYR A 327 -0.53 -19.96 10.65
C TYR A 327 -0.55 -18.72 11.58
N ASP A 328 0.61 -18.10 11.61
CA ASP A 328 0.96 -16.92 12.40
C ASP A 328 0.08 -15.68 12.26
N SER A 329 -0.58 -15.58 11.15
CA SER A 329 -1.36 -14.41 10.87
C SER A 329 -2.24 -14.04 12.04
N GLU A 330 -2.93 -15.06 12.57
CA GLU A 330 -3.84 -14.94 13.72
C GLU A 330 -3.23 -14.19 14.92
N TYR A 331 -2.11 -14.73 15.34
CA TYR A 331 -1.44 -14.16 16.47
C TYR A 331 -1.22 -12.67 16.30
N PHE A 332 -0.62 -12.36 15.22
CA PHE A 332 -0.35 -11.00 14.98
C PHE A 332 -1.52 -10.16 14.91
N ALA A 333 -2.48 -10.75 14.34
CA ALA A 333 -3.66 -9.96 14.12
C ALA A 333 -4.35 -9.63 15.44
N THR A 334 -4.25 -10.54 16.33
CA THR A 334 -4.88 -10.30 17.58
C THR A 334 -3.97 -9.51 18.43
N LYS A 335 -2.74 -9.28 17.89
CA LYS A 335 -1.83 -8.45 18.66
C LYS A 335 -2.50 -7.07 18.72
N VAL A 336 -3.02 -6.58 17.60
CA VAL A 336 -3.80 -5.33 17.64
C VAL A 336 -5.31 -5.52 17.97
N GLN A 337 -5.91 -4.43 18.43
CA GLN A 337 -7.31 -4.35 18.73
C GLN A 337 -8.18 -4.22 17.53
N ASN A 338 -7.64 -3.49 16.56
CA ASN A 338 -8.26 -3.23 15.28
C ASN A 338 -7.29 -2.92 14.16
N THR A 339 -7.88 -2.75 12.95
CA THR A 339 -7.14 -2.47 11.74
C THR A 339 -6.61 -1.09 11.71
N ASN A 340 -7.02 -0.36 12.70
CA ASN A 340 -6.55 0.97 12.84
C ASN A 340 -6.90 1.79 11.60
N GLY A 341 -8.05 1.45 10.96
CA GLY A 341 -8.55 2.19 9.80
C GLY A 341 -8.04 1.78 8.40
N VAL A 342 -7.05 0.91 8.41
CA VAL A 342 -6.49 0.42 7.20
C VAL A 342 -7.45 -0.45 6.50
N TYR A 343 -7.40 -0.48 5.18
CA TYR A 343 -8.24 -1.40 4.37
C TYR A 343 -7.38 -2.02 3.22
N VAL A 344 -7.45 -3.32 3.06
CA VAL A 344 -6.65 -3.95 2.01
C VAL A 344 -7.51 -4.48 0.92
N VAL A 345 -7.24 -4.20 -0.34
CA VAL A 345 -8.07 -4.78 -1.39
C VAL A 345 -7.21 -5.73 -2.24
N PRO A 346 -7.54 -6.99 -2.10
CA PRO A 346 -6.74 -8.03 -2.71
C PRO A 346 -6.93 -8.17 -4.16
N ALA A 347 -6.75 -7.11 -4.92
CA ALA A 347 -6.96 -7.29 -6.34
C ALA A 347 -5.73 -7.48 -7.19
N PHE A 348 -4.92 -8.38 -6.71
CA PHE A 348 -3.69 -8.75 -7.31
C PHE A 348 -3.82 -9.20 -8.76
N THR A 349 -5.00 -9.77 -9.04
CA THR A 349 -5.45 -10.28 -10.34
C THR A 349 -6.79 -9.73 -10.74
N GLY A 350 -6.95 -8.42 -10.51
CA GLY A 350 -8.21 -7.74 -10.75
C GLY A 350 -9.26 -8.16 -9.71
N LEU A 351 -10.51 -7.78 -10.02
CA LEU A 351 -11.63 -8.01 -9.19
C LEU A 351 -12.53 -9.16 -9.44
N GLY A 352 -13.30 -9.32 -10.44
CA GLY A 352 -14.00 -10.57 -10.10
C GLY A 352 -15.30 -10.41 -9.31
N ALA A 353 -15.96 -11.48 -9.00
CA ALA A 353 -17.33 -11.28 -8.46
C ALA A 353 -17.53 -10.67 -7.18
N PRO A 354 -18.60 -9.93 -7.04
CA PRO A 354 -19.61 -9.46 -7.97
C PRO A 354 -19.19 -8.44 -9.01
N TYR A 355 -18.03 -7.78 -8.74
CA TYR A 355 -17.45 -6.70 -9.51
C TYR A 355 -16.98 -7.03 -10.90
N TRP A 356 -16.21 -8.06 -11.07
CA TRP A 356 -15.78 -8.30 -12.41
C TRP A 356 -15.06 -7.11 -13.04
N ASP A 357 -13.90 -6.77 -12.48
CA ASP A 357 -13.09 -5.68 -12.93
C ASP A 357 -11.66 -6.12 -13.11
N PRO A 358 -11.35 -6.56 -14.28
CA PRO A 358 -10.02 -6.87 -14.68
C PRO A 358 -9.06 -5.69 -14.58
N TYR A 359 -9.49 -4.50 -14.12
CA TYR A 359 -8.46 -3.52 -14.06
C TYR A 359 -8.09 -3.04 -12.77
N ALA A 360 -8.92 -3.42 -11.84
CA ALA A 360 -8.63 -3.14 -10.48
C ALA A 360 -7.29 -3.82 -10.18
N ARG A 361 -6.51 -3.25 -9.29
CA ARG A 361 -5.25 -3.82 -8.88
C ARG A 361 -5.18 -3.83 -7.32
N GLY A 362 -4.28 -4.63 -6.69
CA GLY A 362 -4.23 -4.66 -5.22
C GLY A 362 -3.98 -3.30 -4.55
N ALA A 363 -4.65 -3.01 -3.40
CA ALA A 363 -4.36 -1.75 -2.74
C ALA A 363 -4.56 -1.71 -1.25
N ILE A 364 -3.85 -0.76 -0.66
CA ILE A 364 -3.88 -0.51 0.74
C ILE A 364 -4.19 0.93 0.97
N PHE A 365 -5.05 1.12 1.97
CA PHE A 365 -5.57 2.41 2.30
C PHE A 365 -5.59 2.86 3.74
N GLY A 366 -5.71 4.18 3.85
CA GLY A 366 -5.90 4.83 5.12
C GLY A 366 -4.71 4.71 6.00
N LEU A 367 -3.59 4.85 5.36
CA LEU A 367 -2.39 4.76 6.13
C LEU A 367 -2.10 6.01 6.98
N THR A 368 -1.78 5.72 8.17
CA THR A 368 -1.54 6.73 9.11
C THR A 368 -0.21 6.39 9.66
N ARG A 369 0.51 7.40 10.10
CA ARG A 369 1.85 7.17 10.62
C ARG A 369 1.93 6.14 11.76
N GLY A 370 0.85 5.94 12.55
CA GLY A 370 0.95 4.92 13.59
C GLY A 370 0.64 3.47 13.07
N VAL A 371 0.34 3.30 11.77
CA VAL A 371 -0.04 1.99 11.30
C VAL A 371 1.13 1.04 11.26
N ASN A 372 0.88 -0.18 11.71
CA ASN A 372 1.96 -1.14 11.63
C ASN A 372 1.61 -2.49 11.00
N ALA A 373 2.67 -3.32 10.91
CA ALA A 373 2.63 -4.58 10.18
C ALA A 373 1.47 -5.40 10.62
N ASN A 374 1.19 -5.15 11.89
CA ASN A 374 0.10 -5.94 12.44
C ASN A 374 -1.19 -5.48 11.83
N HIS A 375 -1.43 -4.16 11.88
CA HIS A 375 -2.61 -3.65 11.23
C HIS A 375 -2.67 -4.16 9.79
N ILE A 376 -1.56 -4.01 9.08
CA ILE A 376 -1.62 -4.55 7.78
C ILE A 376 -2.08 -5.99 7.77
N ILE A 377 -1.44 -6.77 8.63
CA ILE A 377 -1.79 -8.16 8.57
C ILE A 377 -3.28 -8.43 8.79
N ARG A 378 -3.69 -7.87 9.86
CA ARG A 378 -5.05 -7.96 10.19
C ARG A 378 -5.92 -7.60 8.99
N ALA A 379 -5.59 -6.47 8.41
CA ALA A 379 -6.40 -6.00 7.36
C ALA A 379 -6.57 -7.04 6.26
N THR A 380 -5.46 -7.73 5.98
CA THR A 380 -5.51 -8.73 4.95
C THR A 380 -6.53 -9.80 5.30
N LEU A 381 -6.50 -10.32 6.49
CA LEU A 381 -7.53 -11.33 6.85
C LEU A 381 -8.95 -10.89 6.71
N GLU A 382 -9.11 -9.69 7.21
CA GLU A 382 -10.40 -9.07 7.18
C GLU A 382 -10.93 -9.04 5.72
N SER A 383 -10.05 -8.62 4.76
CA SER A 383 -10.46 -8.53 3.36
C SER A 383 -11.12 -9.85 2.94
N ILE A 384 -10.54 -10.97 3.35
CA ILE A 384 -11.25 -12.20 3.05
C ILE A 384 -12.74 -12.13 3.33
N ALA A 385 -13.04 -11.76 4.57
CA ALA A 385 -14.40 -11.63 5.06
C ALA A 385 -15.31 -10.66 4.35
N TYR A 386 -14.78 -9.48 4.03
CA TYR A 386 -15.64 -8.49 3.36
C TYR A 386 -16.21 -9.08 2.07
N GLN A 387 -15.18 -9.51 1.35
CA GLN A 387 -15.32 -10.15 0.12
C GLN A 387 -16.42 -11.18 0.25
N THR A 388 -16.29 -12.07 1.22
CA THR A 388 -17.31 -13.08 1.35
C THR A 388 -18.68 -12.52 1.49
N ARG A 389 -18.84 -11.57 2.35
CA ARG A 389 -20.11 -10.92 2.46
C ARG A 389 -20.57 -10.35 1.09
N ASP A 390 -19.66 -9.54 0.49
CA ASP A 390 -19.95 -9.08 -0.86
C ASP A 390 -20.74 -10.06 -1.66
N VAL A 391 -20.20 -11.26 -1.70
CA VAL A 391 -20.82 -12.21 -2.53
C VAL A 391 -22.01 -12.81 -1.87
N LEU A 392 -21.85 -12.99 -0.59
CA LEU A 392 -22.99 -13.53 0.09
C LEU A 392 -24.28 -12.78 -0.25
N GLU A 393 -24.34 -11.46 -0.07
CA GLU A 393 -25.54 -10.78 -0.45
C GLU A 393 -25.93 -11.07 -1.90
N ALA A 394 -25.00 -10.96 -2.84
CA ALA A 394 -25.43 -11.27 -4.19
C ALA A 394 -26.23 -12.55 -4.25
N MET A 395 -25.67 -13.52 -3.58
CA MET A 395 -26.31 -14.80 -3.50
C MET A 395 -27.72 -14.53 -3.00
N GLN A 396 -27.88 -13.96 -1.82
CA GLN A 396 -29.23 -13.73 -1.40
C GLN A 396 -30.03 -13.09 -2.49
N ALA A 397 -29.60 -11.90 -2.84
CA ALA A 397 -30.27 -11.20 -3.91
C ALA A 397 -30.73 -12.18 -4.93
N ASP A 398 -29.78 -12.76 -5.61
CA ASP A 398 -30.10 -13.72 -6.64
C ASP A 398 -30.97 -14.86 -6.07
N SER A 399 -30.45 -15.71 -5.22
CA SER A 399 -31.27 -16.81 -4.69
C SER A 399 -32.63 -16.46 -4.08
N GLY A 400 -32.79 -15.25 -3.56
CA GLY A 400 -34.05 -14.92 -2.87
C GLY A 400 -34.18 -15.79 -1.57
N ILE A 401 -33.07 -15.99 -0.91
CA ILE A 401 -32.95 -16.78 0.28
C ILE A 401 -32.14 -16.02 1.32
N ARG A 402 -32.30 -16.50 2.55
CA ARG A 402 -31.66 -15.94 3.70
C ARG A 402 -30.88 -17.03 4.40
N LEU A 403 -29.59 -17.10 4.20
CA LEU A 403 -28.92 -18.18 4.88
C LEU A 403 -28.87 -17.90 6.35
N HIS A 404 -29.21 -18.85 7.20
CA HIS A 404 -29.13 -18.45 8.61
C HIS A 404 -27.85 -18.85 9.25
N ALA A 405 -27.14 -19.64 8.44
CA ALA A 405 -25.84 -20.19 8.69
C ALA A 405 -25.11 -20.49 7.40
N LEU A 406 -23.80 -20.44 7.48
CA LEU A 406 -23.03 -20.66 6.31
C LEU A 406 -22.10 -21.81 6.56
N ARG A 407 -22.10 -22.81 5.69
CA ARG A 407 -21.15 -23.78 6.06
C ARG A 407 -19.90 -23.61 5.30
N VAL A 408 -18.88 -23.46 6.04
CA VAL A 408 -17.66 -23.23 5.34
C VAL A 408 -16.77 -24.42 5.28
N ASP A 409 -15.58 -24.14 4.73
CA ASP A 409 -14.54 -25.13 4.64
C ASP A 409 -13.29 -24.58 3.90
N GLY A 410 -12.20 -25.35 4.08
CA GLY A 410 -10.93 -25.01 3.51
C GLY A 410 -9.84 -24.57 4.52
N GLY A 411 -8.60 -24.56 3.98
CA GLY A 411 -7.40 -24.19 4.64
C GLY A 411 -7.61 -23.21 5.75
N ALA A 412 -7.95 -22.02 5.41
CA ALA A 412 -8.14 -20.99 6.41
C ALA A 412 -9.18 -21.14 7.50
N VAL A 413 -10.09 -22.06 7.37
CA VAL A 413 -11.08 -22.05 8.42
C VAL A 413 -10.47 -22.43 9.76
N ALA A 414 -9.21 -22.84 9.70
CA ALA A 414 -8.52 -23.12 10.92
C ALA A 414 -8.37 -21.91 11.79
N ASN A 415 -8.42 -20.77 11.12
CA ASN A 415 -8.31 -19.42 11.65
C ASN A 415 -9.59 -18.98 12.30
N ASN A 416 -9.51 -18.98 13.58
CA ASN A 416 -10.67 -18.70 14.39
C ASN A 416 -11.01 -17.26 14.32
N PHE A 417 -9.99 -16.45 14.51
CA PHE A 417 -10.18 -15.02 14.42
C PHE A 417 -10.94 -14.66 13.18
N LEU A 418 -10.40 -15.24 12.09
CA LEU A 418 -10.98 -15.09 10.83
C LEU A 418 -12.40 -15.48 10.84
N MET A 419 -12.53 -16.75 11.17
CA MET A 419 -13.87 -17.32 11.25
C MET A 419 -14.77 -16.43 12.07
N GLN A 420 -14.29 -16.13 13.25
CA GLN A 420 -15.09 -15.33 14.10
C GLN A 420 -15.49 -14.04 13.44
N PHE A 421 -14.47 -13.27 13.08
CA PHE A 421 -14.68 -12.01 12.42
C PHE A 421 -15.71 -12.14 11.29
N GLN A 422 -15.60 -13.25 10.54
CA GLN A 422 -16.43 -13.50 9.39
C GLN A 422 -17.91 -13.51 9.78
N SER A 423 -18.23 -14.29 10.80
CA SER A 423 -19.59 -14.33 11.27
C SER A 423 -19.98 -12.91 11.76
N ASP A 424 -19.11 -12.28 12.54
CA ASP A 424 -19.37 -10.92 12.99
C ASP A 424 -19.86 -9.90 11.92
N ILE A 425 -19.16 -9.85 10.81
CA ILE A 425 -19.45 -8.98 9.71
C ILE A 425 -20.65 -9.46 8.92
N LEU A 426 -20.92 -10.73 9.05
CA LEU A 426 -22.03 -11.24 8.28
C LEU A 426 -23.35 -10.93 8.92
N GLY A 427 -23.35 -11.14 10.23
CA GLY A 427 -24.50 -11.09 11.09
C GLY A 427 -25.21 -12.47 11.02
N THR A 428 -24.40 -13.52 10.84
CA THR A 428 -24.88 -14.86 10.67
C THR A 428 -23.88 -15.82 11.21
N ARG A 429 -24.38 -17.00 11.54
CA ARG A 429 -23.51 -17.93 12.19
C ARG A 429 -22.66 -18.69 11.18
N VAL A 430 -21.48 -19.14 11.63
CA VAL A 430 -20.63 -19.89 10.75
C VAL A 430 -20.48 -21.33 11.26
N GLU A 431 -20.49 -22.33 10.37
CA GLU A 431 -20.37 -23.73 10.74
C GLU A 431 -19.15 -24.43 10.20
N ARG A 432 -18.30 -24.91 11.14
CA ARG A 432 -17.06 -25.57 10.81
C ARG A 432 -17.20 -27.03 10.98
N PRO A 433 -17.20 -27.74 9.89
CA PRO A 433 -17.39 -29.16 9.96
C PRO A 433 -16.22 -29.81 10.69
N GLU A 434 -16.43 -31.05 11.10
CA GLU A 434 -15.45 -31.90 11.77
C GLU A 434 -14.35 -32.33 10.79
N VAL A 435 -14.74 -32.78 9.59
CA VAL A 435 -13.73 -33.20 8.59
C VAL A 435 -13.13 -32.06 7.80
N ARG A 436 -11.99 -32.25 7.17
CA ARG A 436 -11.48 -31.10 6.48
C ARG A 436 -11.23 -31.19 4.99
N GLU A 437 -11.05 -32.39 4.39
CA GLU A 437 -10.83 -32.41 2.94
C GLU A 437 -12.06 -32.69 2.13
N VAL A 438 -13.04 -31.79 2.26
CA VAL A 438 -14.34 -31.91 1.64
C VAL A 438 -14.23 -32.06 0.15
N THR A 439 -13.20 -31.40 -0.40
CA THR A 439 -12.97 -31.55 -1.80
C THR A 439 -12.50 -32.95 -2.19
N ALA A 440 -11.60 -33.55 -1.45
CA ALA A 440 -11.14 -34.84 -1.90
C ALA A 440 -12.16 -35.87 -1.56
N LEU A 441 -12.82 -35.59 -0.43
CA LEU A 441 -13.95 -36.37 0.00
C LEU A 441 -14.80 -36.50 -1.21
N GLY A 442 -15.19 -35.32 -1.68
CA GLY A 442 -15.94 -35.16 -2.89
C GLY A 442 -15.42 -36.06 -4.00
N ALA A 443 -14.28 -35.72 -4.64
CA ALA A 443 -13.71 -36.47 -5.80
C ALA A 443 -13.64 -37.98 -5.66
N ALA A 444 -13.40 -38.44 -4.44
CA ALA A 444 -13.40 -39.86 -4.14
C ALA A 444 -14.86 -40.38 -4.37
N TYR A 445 -15.81 -39.90 -3.50
CA TYR A 445 -17.21 -40.29 -3.63
C TYR A 445 -17.64 -40.48 -5.05
N LEU A 446 -17.52 -39.43 -5.76
CA LEU A 446 -17.84 -39.51 -7.13
C LEU A 446 -17.25 -40.76 -7.69
N ALA A 447 -15.95 -40.84 -7.54
CA ALA A 447 -15.21 -41.93 -8.14
C ALA A 447 -15.63 -43.31 -7.57
N GLY A 448 -15.84 -43.33 -6.29
CA GLY A 448 -16.26 -44.57 -5.65
C GLY A 448 -17.72 -44.85 -5.92
N LEU A 449 -18.47 -43.78 -6.05
CA LEU A 449 -19.87 -43.89 -6.34
C LEU A 449 -20.05 -44.35 -7.76
N ALA A 450 -19.11 -43.98 -8.56
CA ALA A 450 -19.16 -44.36 -9.93
C ALA A 450 -18.58 -45.75 -10.08
N VAL A 451 -18.46 -46.48 -8.96
CA VAL A 451 -17.76 -47.77 -8.99
C VAL A 451 -18.28 -48.91 -8.10
N GLY A 452 -19.36 -48.68 -7.37
CA GLY A 452 -19.85 -49.73 -6.54
C GLY A 452 -19.11 -49.68 -5.22
N PHE A 453 -17.97 -49.01 -5.19
CA PHE A 453 -17.33 -48.92 -3.90
C PHE A 453 -18.31 -48.33 -2.88
N TRP A 454 -19.27 -47.56 -3.35
CA TRP A 454 -20.32 -47.01 -2.50
C TRP A 454 -21.61 -47.05 -3.19
N GLN A 455 -22.68 -47.23 -2.48
CA GLN A 455 -23.82 -47.19 -3.33
C GLN A 455 -24.90 -46.31 -2.74
N ASN A 456 -24.47 -45.16 -2.19
CA ASN A 456 -25.37 -44.15 -1.62
C ASN A 456 -24.65 -43.19 -0.69
N LEU A 457 -25.20 -41.99 -0.57
CA LEU A 457 -24.64 -40.92 0.24
C LEU A 457 -24.89 -40.97 1.72
N ASP A 458 -26.11 -41.35 2.14
CA ASP A 458 -26.48 -41.42 3.58
C ASP A 458 -25.50 -42.33 4.37
N GLU A 459 -24.61 -42.99 3.58
CA GLU A 459 -23.50 -43.80 3.99
C GLU A 459 -22.45 -42.86 4.57
N LEU A 460 -21.93 -42.12 3.63
CA LEU A 460 -20.95 -41.11 3.85
C LEU A 460 -21.57 -39.93 4.66
N GLN A 461 -22.92 -39.83 4.64
CA GLN A 461 -23.68 -38.79 5.35
C GLN A 461 -23.31 -38.48 6.80
N GLU A 462 -22.59 -39.38 7.49
CA GLU A 462 -22.24 -39.23 8.92
C GLU A 462 -20.99 -38.39 9.18
N LYS A 463 -20.30 -38.08 8.09
CA LYS A 463 -19.11 -37.25 8.18
C LYS A 463 -19.43 -35.75 8.20
N ALA A 464 -20.70 -35.40 8.14
CA ALA A 464 -21.07 -34.01 8.17
C ALA A 464 -21.28 -33.51 9.58
N VAL A 465 -20.27 -33.75 10.39
CA VAL A 465 -20.28 -33.33 11.77
C VAL A 465 -19.94 -31.88 11.98
N ILE A 466 -20.66 -31.15 12.81
CA ILE A 466 -20.17 -29.78 12.93
C ILE A 466 -19.21 -29.56 14.10
N GLU A 467 -17.95 -29.41 13.82
CA GLU A 467 -17.13 -29.20 14.97
C GLU A 467 -17.37 -27.85 15.61
N ARG A 468 -17.30 -26.81 14.84
CA ARG A 468 -17.38 -25.49 15.43
C ARG A 468 -18.50 -24.64 14.96
N GLU A 469 -19.07 -23.95 15.91
CA GLU A 469 -20.11 -23.00 15.59
C GLU A 469 -19.72 -21.59 16.01
N PHE A 470 -19.82 -20.68 15.02
CA PHE A 470 -19.47 -19.27 15.19
C PHE A 470 -20.69 -18.34 15.11
N ARG A 471 -20.81 -17.61 16.20
CA ARG A 471 -21.89 -16.71 16.48
C ARG A 471 -21.35 -15.34 16.47
N PRO A 472 -22.11 -14.47 15.85
CA PRO A 472 -21.81 -13.05 15.71
C PRO A 472 -21.82 -12.38 17.05
N GLY A 473 -20.98 -11.38 17.25
CA GLY A 473 -21.02 -10.75 18.54
C GLY A 473 -20.82 -9.27 18.40
N ILE A 474 -21.23 -8.73 17.26
CA ILE A 474 -21.08 -7.33 16.92
C ILE A 474 -22.38 -6.82 16.43
N GLU A 475 -22.68 -5.60 16.80
CA GLU A 475 -23.95 -5.00 16.42
C GLU A 475 -24.00 -4.44 15.05
N THR A 476 -25.25 -4.29 14.66
CA THR A 476 -25.61 -3.79 13.40
C THR A 476 -24.93 -2.50 13.01
N THR A 477 -24.34 -1.73 13.86
CA THR A 477 -23.81 -0.55 13.23
C THR A 477 -22.37 -0.78 12.87
N GLU A 478 -21.78 -1.29 13.86
CA GLU A 478 -20.43 -1.68 13.86
C GLU A 478 -20.08 -2.14 12.48
N ARG A 479 -20.80 -3.24 12.16
CA ARG A 479 -20.78 -3.97 10.91
C ARG A 479 -20.80 -3.07 9.68
N ASN A 480 -21.93 -2.45 9.55
CA ASN A 480 -22.17 -1.61 8.41
C ASN A 480 -21.17 -0.50 8.39
N TYR A 481 -20.86 -0.07 9.55
CA TYR A 481 -19.90 0.93 9.58
C TYR A 481 -18.72 0.48 8.74
N ARG A 482 -18.15 -0.65 9.14
CA ARG A 482 -17.04 -1.23 8.37
C ARG A 482 -17.33 -1.49 6.92
N TYR A 483 -18.32 -2.33 6.71
CA TYR A 483 -18.63 -2.62 5.34
C TYR A 483 -18.49 -1.35 4.53
N ALA A 484 -19.09 -0.31 5.08
CA ALA A 484 -19.02 0.92 4.40
C ALA A 484 -17.57 1.30 4.02
N GLY A 485 -16.74 1.48 5.01
CA GLY A 485 -15.36 1.81 4.62
C GLY A 485 -14.76 0.84 3.62
N TRP A 486 -15.20 -0.42 3.74
CA TRP A 486 -14.75 -1.42 2.83
C TRP A 486 -15.08 -0.94 1.44
N LYS A 487 -16.39 -0.87 1.19
CA LYS A 487 -16.91 -0.39 -0.09
C LYS A 487 -16.23 0.87 -0.55
N LYS A 488 -16.06 1.77 0.40
CA LYS A 488 -15.33 2.92 0.00
C LYS A 488 -13.98 2.52 -0.65
N ALA A 489 -13.20 1.74 0.09
CA ALA A 489 -11.93 1.35 -0.42
C ALA A 489 -12.02 0.71 -1.77
N VAL A 490 -12.98 -0.17 -1.94
CA VAL A 490 -13.05 -0.87 -3.23
C VAL A 490 -13.16 -0.02 -4.47
N LYS A 491 -14.16 0.87 -4.39
CA LYS A 491 -14.37 1.85 -5.45
C LYS A 491 -13.01 2.35 -5.92
N ARG A 492 -12.28 2.82 -4.93
CA ARG A 492 -10.99 3.35 -5.21
C ARG A 492 -10.01 2.44 -5.88
N ALA A 493 -10.24 1.12 -5.89
CA ALA A 493 -9.22 0.26 -6.49
C ALA A 493 -9.49 -0.22 -7.89
N MET A 494 -10.79 -0.04 -8.22
CA MET A 494 -11.22 -0.41 -9.53
C MET A 494 -10.61 0.52 -10.55
N ALA A 495 -10.45 -0.04 -11.74
CA ALA A 495 -9.93 0.72 -12.85
C ALA A 495 -8.56 1.26 -12.64
N TRP A 496 -7.71 0.42 -12.10
CA TRP A 496 -6.41 0.94 -11.93
C TRP A 496 -5.70 0.88 -13.26
N GLU A 497 -5.71 -0.33 -13.79
CA GLU A 497 -5.08 -0.59 -15.01
C GLU A 497 -5.64 0.18 -16.17
N GLU A 498 -4.72 0.43 -17.05
CA GLU A 498 -4.85 1.22 -18.26
C GLU A 498 -5.08 0.44 -19.52
N HIS A 499 -6.26 0.60 -20.08
CA HIS A 499 -6.55 -0.04 -21.35
C HIS A 499 -6.64 1.01 -22.48
N GLU B 2 42.35 35.44 18.15
CA GLU B 2 41.83 34.95 19.44
C GLU B 2 40.51 34.17 19.29
N LYS B 3 39.44 34.97 19.07
CA LYS B 3 38.07 34.50 18.84
C LYS B 3 38.00 34.00 17.43
N LYS B 4 38.45 32.78 17.36
CA LYS B 4 38.55 32.08 16.14
C LYS B 4 37.24 31.46 15.69
N TYR B 5 36.28 31.22 16.56
CA TYR B 5 35.13 30.56 16.02
C TYR B 5 33.81 31.12 16.20
N ILE B 6 32.87 30.34 15.68
CA ILE B 6 31.47 30.63 15.76
C ILE B 6 30.67 29.36 15.92
N VAL B 7 29.50 29.53 16.44
CA VAL B 7 28.67 28.41 16.75
C VAL B 7 27.29 28.44 16.16
N ALA B 8 26.84 27.32 15.55
CA ALA B 8 25.48 27.24 15.03
C ALA B 8 24.70 26.33 15.91
N LEU B 9 23.51 26.74 16.23
CA LEU B 9 22.69 25.92 17.06
C LEU B 9 21.57 25.39 16.20
N ASP B 10 21.32 24.08 16.27
CA ASP B 10 20.29 23.47 15.44
C ASP B 10 19.24 22.71 16.17
N GLN B 11 18.11 23.35 16.36
CA GLN B 11 16.98 22.73 17.00
C GLN B 11 16.11 22.07 15.95
N GLY B 12 16.27 20.76 15.83
CA GLY B 12 15.53 20.05 14.82
C GLY B 12 14.29 19.33 15.32
N THR B 13 13.40 19.07 14.38
CA THR B 13 12.20 18.37 14.71
C THR B 13 12.43 17.15 15.63
N THR B 14 13.58 16.51 15.49
CA THR B 14 13.91 15.23 16.13
C THR B 14 15.12 15.14 17.04
N SER B 15 15.86 16.23 17.16
CA SER B 15 17.08 16.35 17.93
C SER B 15 17.65 17.74 17.96
N SER B 16 18.34 18.08 19.03
CA SER B 16 19.02 19.38 19.07
C SER B 16 20.49 19.20 18.61
N ARG B 17 21.04 20.12 17.82
CA ARG B 17 22.43 20.01 17.44
C ARG B 17 23.22 21.25 17.74
N ALA B 18 24.53 21.07 17.60
CA ALA B 18 25.52 22.11 17.85
C ALA B 18 26.73 21.96 16.94
N VAL B 19 26.98 22.98 16.15
CA VAL B 19 28.11 22.92 15.26
C VAL B 19 29.09 24.06 15.48
N VAL B 20 30.40 23.77 15.19
CA VAL B 20 31.52 24.73 15.28
C VAL B 20 32.42 24.96 14.10
N MET B 21 32.74 26.19 13.79
CA MET B 21 33.60 26.35 12.66
C MET B 21 34.55 27.47 12.74
N ASP B 22 35.48 27.41 11.80
CA ASP B 22 36.47 28.45 11.68
C ASP B 22 36.16 29.41 10.58
N HIS B 23 37.10 30.32 10.33
CA HIS B 23 37.02 31.35 9.30
C HIS B 23 36.98 30.82 7.88
N ASP B 24 37.48 29.59 7.70
CA ASP B 24 37.38 28.99 6.38
C ASP B 24 36.06 28.29 6.37
N ALA B 25 35.44 28.35 7.54
CA ALA B 25 34.14 27.78 7.76
C ALA B 25 34.29 26.30 7.83
N ASN B 26 35.40 25.89 8.36
CA ASN B 26 35.54 24.48 8.39
C ASN B 26 34.78 24.07 9.57
N ILE B 27 34.00 23.06 9.36
CA ILE B 27 33.17 22.59 10.41
C ILE B 27 34.10 21.75 11.30
N ILE B 28 34.27 22.29 12.49
CA ILE B 28 35.16 21.80 13.50
C ILE B 28 34.62 20.70 14.43
N SER B 29 33.41 20.83 14.88
CA SER B 29 32.90 19.80 15.76
C SER B 29 31.37 19.78 15.83
N VAL B 30 30.82 18.62 16.05
CA VAL B 30 29.39 18.53 16.09
C VAL B 30 28.84 17.79 17.28
N SER B 31 28.09 18.44 18.16
CA SER B 31 27.48 17.65 19.22
C SER B 31 26.05 17.47 18.81
N GLN B 32 25.34 16.54 19.45
CA GLN B 32 23.99 16.31 19.01
C GLN B 32 23.12 15.34 19.79
N ARG B 33 22.22 15.78 20.71
CA ARG B 33 21.37 14.78 21.41
C ARG B 33 19.98 14.79 20.77
N GLU B 34 19.47 13.62 20.54
CA GLU B 34 18.15 13.42 20.03
C GLU B 34 17.12 13.63 21.13
N PHE B 35 15.91 14.09 20.86
CA PHE B 35 14.92 14.20 21.98
C PHE B 35 13.65 13.45 21.59
N GLU B 36 12.77 13.22 22.59
CA GLU B 36 11.54 12.41 22.41
C GLU B 36 10.33 13.04 21.71
N GLN B 37 9.77 12.26 20.77
CA GLN B 37 8.57 12.68 20.08
C GLN B 37 7.34 12.21 20.85
N ILE B 38 6.40 13.12 20.91
CA ILE B 38 5.15 12.88 21.64
C ILE B 38 3.92 12.96 20.77
N TYR B 39 3.28 11.84 20.78
CA TYR B 39 2.07 11.73 20.02
C TYR B 39 1.00 11.52 21.03
N PRO B 40 0.51 12.63 21.56
CA PRO B 40 -0.52 12.56 22.57
C PRO B 40 -1.58 11.57 22.04
N LYS B 41 -1.86 11.74 20.76
CA LYS B 41 -2.85 10.96 20.09
C LYS B 41 -2.62 11.07 18.62
N PRO B 42 -3.37 10.27 17.84
CA PRO B 42 -3.30 10.27 16.37
C PRO B 42 -3.41 11.66 15.72
N GLY B 43 -2.45 12.00 14.88
CA GLY B 43 -2.51 13.29 14.22
C GLY B 43 -1.81 14.40 15.01
N TRP B 44 -1.58 14.08 16.30
CA TRP B 44 -0.95 14.99 17.30
C TRP B 44 0.49 14.81 17.69
N VAL B 45 1.13 15.92 17.66
CA VAL B 45 2.50 15.91 18.02
C VAL B 45 2.99 17.07 18.87
N GLU B 46 3.68 16.67 19.92
CA GLU B 46 4.29 17.57 20.83
C GLU B 46 5.68 17.14 21.20
N HIS B 47 6.40 18.07 21.80
CA HIS B 47 7.75 17.90 22.28
C HIS B 47 7.81 18.42 23.70
N ASP B 48 8.77 17.96 24.49
CA ASP B 48 8.86 18.64 25.76
C ASP B 48 9.74 19.86 25.64
N PRO B 49 9.12 21.06 25.72
CA PRO B 49 9.82 22.33 25.51
C PRO B 49 11.11 22.46 26.31
N MET B 50 11.20 21.82 27.47
CA MET B 50 12.45 21.84 28.18
C MET B 50 13.50 20.94 27.55
N GLU B 51 13.04 19.72 27.17
CA GLU B 51 13.81 18.67 26.53
C GLU B 51 14.49 19.30 25.37
N ILE B 52 13.67 19.92 24.56
CA ILE B 52 14.14 20.65 23.44
C ILE B 52 15.29 21.54 23.88
N TRP B 53 15.01 22.21 25.00
CA TRP B 53 15.92 23.16 25.62
C TRP B 53 17.15 22.46 26.15
N ALA B 54 16.90 21.61 27.11
CA ALA B 54 17.98 20.82 27.68
C ALA B 54 18.92 20.33 26.59
N THR B 55 18.42 19.49 25.69
CA THR B 55 19.26 18.94 24.64
C THR B 55 20.13 19.99 23.99
N GLN B 56 19.47 21.01 23.45
CA GLN B 56 20.16 22.07 22.75
C GLN B 56 21.43 22.53 23.44
N SER B 57 21.35 22.80 24.75
CA SER B 57 22.48 23.24 25.57
C SER B 57 23.59 22.22 25.64
N TRP B 58 23.19 20.99 25.86
CA TRP B 58 24.09 19.88 25.88
C TRP B 58 25.01 20.03 24.71
N THR B 59 24.32 19.92 23.57
CA THR B 59 24.87 20.09 22.27
C THR B 59 25.88 21.22 22.30
N LEU B 60 25.42 22.39 22.72
CA LEU B 60 26.30 23.53 22.82
C LEU B 60 27.62 23.20 23.43
N VAL B 61 27.57 23.22 24.74
CA VAL B 61 28.61 22.81 25.67
C VAL B 61 29.36 21.55 25.26
N GLU B 62 28.60 20.47 25.18
CA GLU B 62 29.15 19.22 24.75
C GLU B 62 30.19 19.40 23.71
N VAL B 63 29.97 20.36 22.81
CA VAL B 63 30.89 20.68 21.78
C VAL B 63 32.22 21.18 22.29
N LEU B 64 32.22 22.48 22.61
CA LEU B 64 33.38 23.20 23.13
C LEU B 64 34.23 22.32 23.98
N ALA B 65 33.55 21.65 24.86
CA ALA B 65 34.27 20.77 25.70
C ALA B 65 35.12 19.87 24.84
N LYS B 66 34.48 19.17 23.93
CA LYS B 66 35.21 18.24 23.11
C LYS B 66 36.14 18.84 22.06
N ALA B 67 36.56 20.08 22.23
CA ALA B 67 37.46 20.63 21.25
C ALA B 67 38.50 21.49 21.94
N ASP B 68 38.24 21.65 23.25
CA ASP B 68 39.03 22.44 24.19
C ASP B 68 39.05 23.89 23.75
N ILE B 69 37.87 24.29 23.27
CA ILE B 69 37.59 25.63 22.83
C ILE B 69 36.86 26.31 23.98
N SER B 70 37.13 27.58 24.15
CA SER B 70 36.49 28.27 25.22
C SER B 70 35.71 29.47 24.78
N SER B 71 34.81 29.82 25.66
CA SER B 71 33.96 30.95 25.48
C SER B 71 34.64 32.11 24.73
N ASP B 72 35.96 32.24 24.95
CA ASP B 72 36.79 33.28 24.39
C ASP B 72 37.20 33.18 22.93
N GLN B 73 37.25 31.99 22.31
CA GLN B 73 37.67 32.03 20.93
C GLN B 73 36.51 32.00 19.98
N ILE B 74 35.32 32.09 20.50
CA ILE B 74 34.23 32.11 19.57
C ILE B 74 33.53 33.44 19.50
N ALA B 75 33.42 33.91 18.27
CA ALA B 75 32.77 35.12 17.99
C ALA B 75 31.35 35.03 18.39
N ALA B 76 30.55 34.47 17.50
CA ALA B 76 29.12 34.40 17.74
C ALA B 76 28.48 33.04 17.86
N ILE B 77 27.16 33.16 17.84
CA ILE B 77 26.17 32.15 17.93
C ILE B 77 25.07 32.39 16.87
N GLY B 78 25.08 31.62 15.80
CA GLY B 78 23.99 31.70 14.86
C GLY B 78 22.90 30.77 15.44
N ILE B 79 21.64 30.90 15.01
CA ILE B 79 20.59 30.00 15.53
C ILE B 79 19.53 29.56 14.50
N THR B 80 19.18 28.25 14.51
CA THR B 80 18.17 27.65 13.62
C THR B 80 17.24 26.63 14.20
N ASN B 81 16.06 26.57 13.64
CA ASN B 81 15.17 25.64 14.27
C ASN B 81 14.09 25.15 13.36
N GLN B 82 13.23 24.32 13.99
CA GLN B 82 12.08 23.74 13.35
C GLN B 82 11.05 24.83 13.33
N ARG B 83 10.34 24.89 12.21
CA ARG B 83 9.53 26.02 11.93
C ARG B 83 8.10 26.25 12.35
N GLU B 84 7.23 25.33 12.63
CA GLU B 84 5.97 26.03 12.97
C GLU B 84 5.64 25.93 14.45
N THR B 85 6.25 24.89 15.00
CA THR B 85 6.21 24.50 16.38
C THR B 85 6.14 25.73 17.29
N THR B 86 5.12 25.69 18.17
CA THR B 86 4.66 26.74 19.10
C THR B 86 4.87 26.57 20.63
N ILE B 87 5.36 27.64 21.29
CA ILE B 87 5.50 27.57 22.75
C ILE B 87 4.82 28.77 23.48
N VAL B 88 4.40 28.48 24.73
CA VAL B 88 3.75 29.44 25.59
C VAL B 88 4.03 29.13 27.03
N TRP B 89 4.77 30.04 27.58
CA TRP B 89 5.14 29.87 28.92
C TRP B 89 4.93 31.04 29.79
N GLU B 90 4.76 30.65 31.04
CA GLU B 90 4.72 31.49 32.20
C GLU B 90 5.97 32.33 32.26
N LYS B 91 5.85 33.63 32.03
CA LYS B 91 7.05 34.46 32.00
C LYS B 91 7.75 34.76 33.32
N GLU B 92 7.03 34.88 34.43
CA GLU B 92 7.80 35.14 35.65
C GLU B 92 8.54 33.84 35.92
N THR B 93 7.70 32.82 36.05
CA THR B 93 8.07 31.48 36.31
C THR B 93 9.06 31.00 35.29
N GLY B 94 8.86 31.46 34.04
CA GLY B 94 9.70 31.07 32.90
C GLY B 94 9.38 29.63 32.49
N LYS B 95 8.08 29.26 32.59
CA LYS B 95 7.68 27.89 32.29
C LYS B 95 6.50 27.74 31.37
N PRO B 96 6.60 26.69 30.57
CA PRO B 96 5.60 26.36 29.58
C PRO B 96 4.33 25.93 30.25
N ILE B 97 3.26 26.37 29.63
CA ILE B 97 1.97 26.10 30.18
C ILE B 97 1.33 25.01 29.38
N TYR B 98 2.19 24.39 28.61
CA TYR B 98 1.83 23.32 27.71
C TYR B 98 2.95 22.94 26.72
N ASN B 99 3.12 21.61 26.58
CA ASN B 99 4.03 20.99 25.64
C ASN B 99 4.06 21.69 24.27
N ALA B 100 5.20 21.65 23.60
CA ALA B 100 5.19 22.37 22.35
C ALA B 100 4.32 21.71 21.28
N ILE B 101 3.83 22.47 20.35
CA ILE B 101 3.09 21.74 19.36
C ILE B 101 3.69 21.93 17.97
N VAL B 102 4.37 20.86 17.51
CA VAL B 102 5.10 20.82 16.25
C VAL B 102 4.35 21.12 14.97
N TRP B 103 5.08 21.75 14.06
CA TRP B 103 4.48 22.09 12.77
C TRP B 103 3.66 20.91 12.23
N GLN B 104 4.21 19.76 12.54
CA GLN B 104 3.76 18.44 12.20
C GLN B 104 2.33 18.07 12.52
N CYS B 105 2.00 18.45 13.76
CA CYS B 105 0.74 18.16 14.44
C CYS B 105 -0.56 18.57 13.71
N ARG B 106 -1.55 17.74 13.72
CA ARG B 106 -2.72 18.23 13.04
C ARG B 106 -3.94 18.52 13.84
N ARG B 107 -3.76 18.67 15.16
CA ARG B 107 -4.90 18.90 16.03
C ARG B 107 -5.75 20.17 15.74
N THR B 108 -5.17 21.27 15.17
CA THR B 108 -5.84 22.55 14.80
C THR B 108 -6.71 22.41 13.56
N ALA B 109 -7.29 21.26 13.43
CA ALA B 109 -8.07 20.93 12.24
C ALA B 109 -9.45 21.60 12.18
N GLU B 110 -10.22 21.34 13.27
CA GLU B 110 -11.57 21.87 13.47
C GLU B 110 -11.58 23.33 13.04
N ILE B 111 -10.99 24.16 13.96
CA ILE B 111 -10.65 25.57 13.80
C ILE B 111 -10.48 25.96 12.36
N CYS B 112 -9.42 25.44 11.77
CA CYS B 112 -9.12 25.77 10.39
C CYS B 112 -10.40 25.91 9.57
N GLU B 113 -11.27 24.91 9.71
CA GLU B 113 -12.52 24.91 8.99
C GLU B 113 -13.34 26.17 9.24
N HIS B 114 -13.57 26.47 10.52
CA HIS B 114 -14.31 27.67 10.80
C HIS B 114 -13.83 28.70 9.83
N LEU B 115 -12.61 29.22 10.10
CA LEU B 115 -11.97 30.23 9.28
C LEU B 115 -12.27 29.99 7.82
N LYS B 116 -12.18 28.74 7.46
CA LYS B 116 -12.49 28.40 6.10
C LYS B 116 -13.83 29.04 5.82
N ARG B 117 -14.85 28.64 6.59
CA ARG B 117 -16.18 29.23 6.47
C ARG B 117 -16.14 30.75 6.23
N ASP B 118 -15.77 31.49 7.27
CA ASP B 118 -15.72 32.93 7.31
C ASP B 118 -15.10 33.69 6.14
N GLY B 119 -14.54 32.99 5.18
CA GLY B 119 -13.98 33.57 3.96
C GLY B 119 -12.68 34.38 4.07
N LEU B 120 -11.65 33.77 4.68
CA LEU B 120 -10.35 34.38 4.91
C LEU B 120 -9.25 33.88 3.98
N GLU B 121 -9.54 32.80 3.31
CA GLU B 121 -8.50 32.36 2.46
C GLU B 121 -7.70 33.52 1.96
N ASP B 122 -8.37 34.33 1.19
CA ASP B 122 -7.68 35.41 0.54
C ASP B 122 -6.94 36.40 1.35
N TYR B 123 -7.42 36.67 2.55
CA TYR B 123 -6.74 37.62 3.38
C TYR B 123 -5.42 36.95 3.77
N ILE B 124 -5.51 35.69 4.13
CA ILE B 124 -4.35 34.94 4.51
C ILE B 124 -3.34 34.80 3.42
N ARG B 125 -3.86 34.24 2.37
CA ARG B 125 -3.04 33.98 1.23
C ARG B 125 -2.38 35.30 0.84
N SER B 126 -3.15 36.36 0.98
CA SER B 126 -2.71 37.71 0.62
C SER B 126 -1.74 38.42 1.56
N ASN B 127 -2.00 38.34 2.86
CA ASN B 127 -1.20 39.08 3.81
C ASN B 127 -0.12 38.30 4.54
N THR B 128 -0.31 36.96 4.70
CA THR B 128 0.67 36.05 5.33
C THR B 128 1.47 35.23 4.34
N GLY B 129 0.92 35.14 3.11
CA GLY B 129 1.55 34.42 1.99
C GLY B 129 1.29 32.95 2.20
N LEU B 130 0.40 32.73 3.15
CA LEU B 130 0.09 31.39 3.51
C LEU B 130 -1.16 30.87 2.80
N VAL B 131 -1.88 30.03 3.57
CA VAL B 131 -3.04 29.28 3.14
C VAL B 131 -3.65 28.77 4.41
N ILE B 132 -4.90 28.38 4.46
CA ILE B 132 -5.35 27.85 5.76
C ILE B 132 -4.89 26.40 6.08
N ASP B 133 -4.33 26.17 7.30
CA ASP B 133 -3.89 24.82 7.63
C ASP B 133 -3.32 24.73 9.05
N PRO B 134 -3.47 23.50 9.61
CA PRO B 134 -3.03 23.27 10.97
C PRO B 134 -1.53 23.34 11.00
N TYR B 135 -0.95 23.44 9.81
CA TYR B 135 0.50 23.57 9.70
C TYR B 135 1.05 24.75 10.54
N PHE B 136 0.64 25.97 10.19
CA PHE B 136 1.12 27.15 10.89
C PHE B 136 0.48 27.35 12.20
N SER B 137 1.28 27.96 13.05
CA SER B 137 0.96 28.17 14.43
C SER B 137 -0.29 29.02 14.74
N GLY B 138 -0.67 29.95 13.89
CA GLY B 138 -1.83 30.68 14.30
C GLY B 138 -2.74 29.80 15.16
N THR B 139 -3.39 28.93 14.44
CA THR B 139 -4.32 28.03 15.03
C THR B 139 -3.83 27.40 16.28
N LYS B 140 -2.60 26.96 16.16
CA LYS B 140 -1.89 26.30 17.25
C LYS B 140 -2.19 26.99 18.55
N VAL B 141 -1.59 28.18 18.60
CA VAL B 141 -1.70 29.09 19.73
C VAL B 141 -3.11 29.11 20.28
N LYS B 142 -4.02 29.51 19.35
CA LYS B 142 -5.41 29.56 19.71
C LYS B 142 -5.66 28.31 20.50
N TRP B 143 -5.67 27.21 19.76
CA TRP B 143 -5.85 25.94 20.39
C TRP B 143 -5.42 25.92 21.83
N ILE B 144 -4.18 26.26 22.03
CA ILE B 144 -3.77 26.31 23.42
C ILE B 144 -4.60 27.22 24.27
N LEU B 145 -4.51 28.47 23.90
CA LEU B 145 -5.24 29.49 24.60
C LEU B 145 -6.46 28.91 25.29
N ASP B 146 -7.31 28.41 24.44
CA ASP B 146 -8.55 27.91 24.94
C ASP B 146 -8.50 26.71 25.86
N HIS B 147 -7.41 26.00 25.90
CA HIS B 147 -7.45 24.83 26.74
C HIS B 147 -6.95 25.11 28.09
N VAL B 148 -6.30 26.24 28.15
CA VAL B 148 -5.75 26.74 29.38
C VAL B 148 -6.75 27.82 29.87
N GLU B 149 -7.00 27.79 31.19
CA GLU B 149 -7.98 28.61 31.89
C GLU B 149 -7.74 30.09 31.90
N GLY B 150 -6.84 30.52 32.79
CA GLY B 150 -6.53 31.93 32.86
C GLY B 150 -6.15 32.41 31.47
N SER B 151 -5.08 31.77 31.02
CA SER B 151 -4.50 31.97 29.71
C SER B 151 -4.71 33.40 29.18
N ARG B 152 -5.75 33.54 28.33
CA ARG B 152 -6.01 34.79 27.66
C ARG B 152 -5.80 36.02 28.58
N GLU B 153 -6.21 35.87 29.84
CA GLU B 153 -6.06 36.95 30.82
C GLU B 153 -4.64 37.44 30.88
N ARG B 154 -3.88 36.48 31.42
CA ARG B 154 -2.48 36.59 31.66
C ARG B 154 -1.96 37.00 30.31
N ALA B 155 -2.37 36.29 29.29
CA ALA B 155 -1.98 36.62 27.95
C ALA B 155 -1.91 38.11 27.76
N ARG B 156 -3.10 38.66 28.06
CA ARG B 156 -3.51 40.05 28.06
C ARG B 156 -2.71 40.89 29.02
N ARG B 157 -2.59 40.39 30.24
CA ARG B 157 -1.76 41.09 31.19
C ARG B 157 -0.29 40.96 30.81
N GLY B 158 0.00 40.58 29.55
CA GLY B 158 1.35 40.35 29.07
C GLY B 158 2.10 39.48 30.08
N GLU B 159 1.30 38.64 30.80
CA GLU B 159 1.70 37.69 31.87
C GLU B 159 2.23 36.36 31.34
N LEU B 160 1.67 36.00 30.16
CA LEU B 160 1.96 34.80 29.37
C LEU B 160 2.76 35.08 28.12
N LEU B 161 3.80 34.26 27.97
CA LEU B 161 4.64 34.47 26.81
C LEU B 161 4.50 33.44 25.70
N PHE B 162 4.53 33.92 24.47
CA PHE B 162 4.48 32.98 23.38
C PHE B 162 5.78 33.11 22.56
N GLY B 163 6.14 32.01 21.89
CA GLY B 163 7.32 31.98 21.06
C GLY B 163 7.42 30.74 20.20
N THR B 164 8.36 30.86 19.31
CA THR B 164 8.72 29.79 18.44
C THR B 164 9.99 29.28 19.05
N VAL B 165 10.51 28.20 18.51
CA VAL B 165 11.69 27.57 19.05
C VAL B 165 12.78 28.58 19.27
N ASP B 166 13.16 29.31 18.23
CA ASP B 166 14.18 30.31 18.44
C ASP B 166 13.79 31.18 19.66
N THR B 167 12.74 31.93 19.42
CA THR B 167 12.21 32.82 20.37
C THR B 167 12.40 32.22 21.73
N TRP B 168 11.93 31.03 21.86
CA TRP B 168 12.03 30.38 23.12
C TRP B 168 13.45 30.13 23.51
N LEU B 169 14.17 29.52 22.62
CA LEU B 169 15.52 29.26 22.91
C LEU B 169 16.20 30.44 23.53
N ILE B 170 16.21 31.52 22.80
CA ILE B 170 16.86 32.75 23.25
C ILE B 170 16.45 33.19 24.68
N TRP B 171 15.17 33.37 24.87
CA TRP B 171 14.67 33.75 26.16
C TRP B 171 15.54 33.02 27.17
N LYS B 172 15.61 31.69 26.98
CA LYS B 172 16.41 30.75 27.76
C LYS B 172 17.85 31.16 27.94
N MET B 173 18.54 31.41 26.80
CA MET B 173 19.92 31.88 26.78
C MET B 173 20.22 33.13 27.59
N THR B 174 19.34 34.14 27.33
CA THR B 174 19.38 35.44 27.95
C THR B 174 18.64 35.48 29.25
N GLN B 175 18.25 34.33 29.74
CA GLN B 175 17.57 34.25 31.02
C GLN B 175 16.13 34.75 30.98
N GLY B 176 15.93 35.88 30.34
CA GLY B 176 14.61 36.38 30.26
C GLY B 176 14.71 37.71 29.62
N ARG B 177 15.94 38.07 29.41
CA ARG B 177 16.25 39.34 28.82
C ARG B 177 15.59 39.62 27.46
N VAL B 178 15.81 38.74 26.51
CA VAL B 178 15.27 39.07 25.21
C VAL B 178 14.12 38.14 24.80
N HIS B 179 13.17 38.77 24.09
CA HIS B 179 11.97 38.16 23.55
C HIS B 179 11.73 38.69 22.16
N VAL B 180 12.51 38.09 21.26
CA VAL B 180 12.50 38.42 19.85
C VAL B 180 12.41 37.15 18.96
N THR B 181 12.23 37.40 17.67
CA THR B 181 12.15 36.43 16.62
C THR B 181 12.59 37.05 15.34
N ASP B 182 12.89 36.26 14.36
CA ASP B 182 13.25 36.92 13.14
C ASP B 182 12.06 36.88 12.24
N TYR B 183 12.27 37.39 11.05
CA TYR B 183 11.23 37.49 10.03
C TYR B 183 10.75 36.22 9.45
N THR B 184 11.71 35.41 9.01
CA THR B 184 11.42 34.20 8.32
C THR B 184 10.49 33.43 9.18
N ASN B 185 11.01 33.26 10.40
CA ASN B 185 10.28 32.49 11.38
C ASN B 185 8.86 33.07 11.62
N ALA B 186 8.79 34.38 11.87
CA ALA B 186 7.54 35.08 12.08
C ALA B 186 6.55 34.81 10.96
N SER B 187 7.11 34.98 9.76
CA SER B 187 6.44 34.82 8.49
C SER B 187 5.69 33.47 8.36
N ARG B 188 5.94 32.62 9.35
CA ARG B 188 5.46 31.28 9.50
C ARG B 188 4.22 31.12 10.32
N THR B 189 4.03 32.02 11.26
CA THR B 189 2.94 31.90 12.22
C THR B 189 1.55 32.08 11.70
N MET B 190 1.47 32.79 10.60
CA MET B 190 0.19 33.08 10.01
C MET B 190 -0.47 34.18 10.82
N LEU B 191 0.36 35.05 11.33
CA LEU B 191 -0.08 36.20 12.01
C LEU B 191 0.94 37.28 11.81
N PHE B 192 1.17 37.65 10.56
CA PHE B 192 2.18 38.65 10.37
C PHE B 192 2.16 39.14 8.97
N ASN B 193 1.89 40.43 8.77
CA ASN B 193 1.87 40.86 7.42
C ASN B 193 3.27 40.97 6.88
N ILE B 194 3.39 40.44 5.69
CA ILE B 194 4.69 40.37 5.11
C ILE B 194 5.00 41.33 3.98
N HIS B 195 4.53 42.55 4.13
CA HIS B 195 4.75 43.70 3.25
C HIS B 195 4.33 44.75 4.19
N THR B 196 4.70 44.40 5.39
CA THR B 196 4.35 45.05 6.58
C THR B 196 5.28 44.64 7.65
N LEU B 197 5.98 43.57 7.34
CA LEU B 197 6.91 43.13 8.33
C LEU B 197 6.30 43.37 9.72
N ASP B 198 5.08 42.87 9.89
CA ASP B 198 4.51 43.01 11.20
C ASP B 198 3.25 42.20 11.43
N TRP B 199 2.97 41.94 12.75
CA TRP B 199 1.81 41.19 13.22
C TRP B 199 0.58 41.63 12.46
N ASP B 200 -0.53 40.91 12.56
CA ASP B 200 -1.70 41.31 11.79
C ASP B 200 -2.91 41.35 12.67
N ASP B 201 -3.42 42.54 12.91
CA ASP B 201 -4.55 42.78 13.79
C ASP B 201 -5.65 41.80 13.49
N LYS B 202 -6.08 41.84 12.24
CA LYS B 202 -7.09 40.90 11.80
C LYS B 202 -6.92 39.58 12.51
N MET B 203 -5.88 38.89 12.01
CA MET B 203 -5.45 37.59 12.51
C MET B 203 -5.55 37.53 14.01
N LEU B 204 -4.77 38.40 14.58
CA LEU B 204 -4.68 38.59 15.98
C LEU B 204 -6.01 38.54 16.62
N GLU B 205 -6.91 39.35 16.07
CA GLU B 205 -8.23 39.33 16.63
C GLU B 205 -8.97 38.07 16.24
N VAL B 206 -8.94 37.80 14.95
CA VAL B 206 -9.62 36.63 14.43
C VAL B 206 -9.30 35.36 15.25
N LEU B 207 -7.99 35.16 15.42
CA LEU B 207 -7.43 34.05 16.15
C LEU B 207 -7.57 34.25 17.64
N ASP B 208 -8.00 35.46 17.94
CA ASP B 208 -8.23 35.91 19.29
C ASP B 208 -7.00 35.73 20.19
N ILE B 209 -5.91 36.45 19.82
CA ILE B 209 -4.64 36.42 20.57
C ILE B 209 -4.14 37.80 21.06
N PRO B 210 -3.81 37.85 22.36
CA PRO B 210 -3.30 39.05 22.98
C PRO B 210 -1.93 39.40 22.49
N ARG B 211 -1.88 40.54 21.81
CA ARG B 211 -0.66 41.13 21.33
C ARG B 211 0.55 41.16 22.27
N GLU B 212 0.25 41.12 23.58
CA GLU B 212 1.18 41.14 24.70
C GLU B 212 2.25 40.08 24.62
N MET B 213 1.77 38.86 24.55
CA MET B 213 2.60 37.71 24.50
C MET B 213 3.51 37.59 23.27
N LEU B 214 3.41 38.54 22.33
CA LEU B 214 4.28 38.50 21.17
C LEU B 214 5.65 39.11 21.42
N PRO B 215 6.59 38.69 20.58
CA PRO B 215 7.94 39.13 20.70
C PRO B 215 8.28 40.11 19.62
N GLU B 216 9.46 40.71 19.79
CA GLU B 216 10.00 41.65 18.86
C GLU B 216 10.40 40.89 17.61
N VAL B 217 10.13 41.41 16.44
CA VAL B 217 10.50 40.68 15.24
C VAL B 217 11.76 41.32 14.66
N ARG B 218 12.89 40.61 14.60
CA ARG B 218 14.05 41.31 14.05
C ARG B 218 14.59 40.78 12.73
N ARG B 219 15.66 41.40 12.25
CA ARG B 219 16.27 40.96 11.01
C ARG B 219 17.02 39.68 11.32
N SER B 220 17.24 38.88 10.30
CA SER B 220 17.88 37.59 10.53
C SER B 220 19.36 37.73 10.92
N SER B 221 20.15 38.47 10.16
CA SER B 221 21.53 38.62 10.58
C SER B 221 21.67 39.88 11.40
N GLU B 222 21.47 39.76 12.73
CA GLU B 222 21.56 40.93 13.60
C GLU B 222 21.83 40.56 15.05
N VAL B 223 22.36 41.54 15.79
CA VAL B 223 22.69 41.33 17.19
C VAL B 223 21.45 41.57 18.03
N TYR B 224 21.17 40.48 18.77
CA TYR B 224 19.99 40.35 19.58
C TYR B 224 20.20 40.32 21.05
N GLY B 225 21.44 40.03 21.43
CA GLY B 225 21.82 39.96 22.83
C GLY B 225 23.07 39.12 23.14
N GLN B 226 23.34 38.96 24.44
CA GLN B 226 24.49 38.21 24.89
C GLN B 226 24.13 37.08 25.81
N THR B 227 24.80 35.96 25.59
CA THR B 227 24.61 34.81 26.45
C THR B 227 25.74 34.56 27.39
N ASN B 228 25.41 34.47 28.65
CA ASN B 228 26.56 34.14 29.39
C ASN B 228 26.74 32.66 29.42
N ILE B 229 27.66 32.33 28.56
CA ILE B 229 28.13 31.00 28.36
C ILE B 229 29.21 30.85 29.42
N GLY B 230 30.04 31.92 29.47
CA GLY B 230 31.14 32.03 30.42
C GLY B 230 31.43 30.66 31.02
N THR B 235 31.66 35.36 30.76
CA THR B 235 32.09 35.34 29.38
C THR B 235 30.89 35.35 28.44
N ARG B 236 30.54 36.58 28.08
CA ARG B 236 29.43 36.99 27.23
C ARG B 236 29.55 36.84 25.72
N ILE B 237 28.82 35.84 25.18
CA ILE B 237 28.80 35.61 23.71
C ILE B 237 27.52 36.19 23.11
N PRO B 238 27.69 36.60 21.86
CA PRO B 238 26.63 37.20 21.06
C PRO B 238 25.78 36.21 20.26
N ILE B 239 24.66 36.72 19.87
CA ILE B 239 23.73 35.96 19.13
C ILE B 239 23.27 36.81 17.97
N SER B 240 23.94 36.69 16.85
CA SER B 240 23.61 37.50 15.71
C SER B 240 23.02 36.70 14.58
N GLY B 241 22.56 35.51 14.92
CA GLY B 241 21.99 34.65 13.91
C GLY B 241 20.66 34.02 14.29
N ILE B 242 19.67 34.15 13.33
CA ILE B 242 18.30 33.61 13.37
C ILE B 242 17.57 33.55 12.04
N ALA B 243 17.39 32.34 11.54
CA ALA B 243 16.60 32.04 10.35
C ALA B 243 15.92 30.68 10.58
N GLY B 244 14.85 30.35 9.84
CA GLY B 244 14.22 29.05 10.01
C GLY B 244 15.10 28.01 9.32
N ASP B 245 15.21 26.82 9.90
CA ASP B 245 16.05 25.89 9.24
C ASP B 245 15.86 25.93 7.74
N GLN B 246 14.65 26.02 7.22
CA GLN B 246 14.73 26.05 5.76
C GLN B 246 15.46 27.27 5.15
N GLN B 247 15.11 28.49 5.58
CA GLN B 247 15.70 29.68 5.04
C GLN B 247 17.12 29.67 5.40
N ALA B 248 17.31 29.06 6.52
CA ALA B 248 18.66 28.80 6.97
C ALA B 248 19.43 28.00 5.94
N ALA B 249 18.79 26.91 5.55
CA ALA B 249 19.46 26.09 4.62
C ALA B 249 19.57 26.83 3.31
N LEU B 250 18.54 27.59 3.03
CA LEU B 250 18.51 28.28 1.77
C LEU B 250 19.71 29.19 1.65
N PHE B 251 20.00 29.73 2.79
CA PHE B 251 21.08 30.64 2.87
C PHE B 251 22.41 29.96 2.70
N GLY B 252 22.63 28.97 3.58
CA GLY B 252 23.83 28.18 3.57
C GLY B 252 24.10 27.59 2.18
N GLN B 253 23.10 27.60 1.36
CA GLN B 253 23.23 27.05 0.05
C GLN B 253 23.51 28.18 -0.88
N LEU B 254 23.65 29.29 -0.21
CA LEU B 254 23.93 30.55 -0.86
C LEU B 254 22.97 30.86 -2.01
N CYS B 255 21.70 30.63 -1.77
CA CYS B 255 20.73 30.96 -2.80
C CYS B 255 20.21 32.30 -2.39
N VAL B 256 21.14 33.22 -2.31
CA VAL B 256 20.79 34.50 -1.78
C VAL B 256 20.43 35.54 -2.86
N LYS B 257 20.11 35.07 -4.07
CA LYS B 257 19.63 35.97 -5.10
C LYS B 257 18.56 35.40 -6.00
N GLU B 258 17.68 36.29 -6.42
CA GLU B 258 16.51 36.07 -7.28
C GLU B 258 16.57 34.85 -8.22
N GLY B 259 15.61 33.89 -8.02
CA GLY B 259 15.46 32.65 -8.83
C GLY B 259 16.34 31.42 -8.45
N MET B 260 17.02 31.52 -7.31
CA MET B 260 17.82 30.46 -6.80
C MET B 260 17.00 29.63 -5.82
N ALA B 261 17.17 28.33 -5.99
CA ALA B 261 16.45 27.35 -5.23
C ALA B 261 17.22 26.11 -4.84
N LYS B 262 16.77 25.58 -3.75
CA LYS B 262 17.30 24.37 -3.26
C LYS B 262 16.16 23.49 -2.80
N ASN B 263 16.43 22.23 -2.83
CA ASN B 263 15.41 21.39 -2.31
C ASN B 263 16.05 20.61 -1.14
N THR B 264 15.39 20.66 -0.04
CA THR B 264 15.98 19.94 1.02
C THR B 264 15.21 18.67 1.16
N TYR B 265 15.95 17.63 1.58
CA TYR B 265 15.44 16.30 1.84
C TYR B 265 15.62 15.89 3.29
N GLY B 266 14.60 16.14 4.13
CA GLY B 266 14.71 15.76 5.54
C GLY B 266 13.48 15.02 6.05
N THR B 267 13.03 15.28 7.28
CA THR B 267 11.89 14.54 7.71
C THR B 267 10.72 14.72 6.74
N GLY B 268 10.79 15.87 6.05
CA GLY B 268 9.87 16.23 5.01
C GLY B 268 10.75 16.84 3.94
N CYS B 269 10.07 17.50 3.01
CA CYS B 269 10.70 18.14 1.89
C CYS B 269 10.37 19.61 1.77
N PHE B 270 11.42 20.47 1.59
CA PHE B 270 11.17 21.88 1.38
C PHE B 270 12.05 22.44 0.29
N MET B 271 11.35 22.92 -0.72
CA MET B 271 11.92 23.52 -1.89
C MET B 271 11.69 25.04 -1.85
N LEU B 272 12.79 25.80 -1.71
CA LEU B 272 12.55 27.23 -1.62
C LEU B 272 13.23 27.97 -2.74
N MET B 273 12.53 28.95 -3.26
CA MET B 273 13.10 29.73 -4.32
C MET B 273 13.02 31.18 -3.97
N ASN B 274 14.18 31.85 -4.00
CA ASN B 274 14.26 33.29 -3.71
C ASN B 274 13.58 34.20 -4.77
N THR B 275 12.81 35.19 -4.26
CA THR B 275 12.14 36.13 -5.13
C THR B 275 12.77 37.51 -4.90
N GLY B 276 13.91 37.42 -4.27
CA GLY B 276 14.64 38.60 -3.95
C GLY B 276 13.76 39.49 -3.12
N GLU B 277 13.67 40.72 -3.64
CA GLU B 277 12.94 41.80 -3.00
C GLU B 277 11.47 41.80 -3.24
N LYS B 278 10.93 40.67 -3.65
CA LYS B 278 9.51 40.66 -3.89
C LYS B 278 8.80 39.38 -3.62
N ALA B 279 7.74 39.57 -2.90
CA ALA B 279 6.88 38.49 -2.57
C ALA B 279 5.89 38.29 -3.69
N VAL B 280 6.11 37.24 -4.51
CA VAL B 280 5.19 36.90 -5.62
C VAL B 280 4.05 35.92 -5.17
N LYS B 281 2.89 36.04 -5.84
CA LYS B 281 1.74 35.27 -5.41
C LYS B 281 1.54 33.90 -6.04
N SER B 282 1.42 32.85 -5.16
CA SER B 282 1.22 31.52 -5.68
C SER B 282 -0.13 31.32 -6.34
N GLU B 283 -0.09 30.89 -7.55
CA GLU B 283 -1.33 30.67 -8.19
C GLU B 283 -1.61 29.18 -8.14
N ASN B 284 -0.59 28.50 -7.64
CA ASN B 284 -0.62 27.07 -7.68
C ASN B 284 -0.31 26.32 -6.41
N GLY B 285 -0.94 26.63 -5.32
CA GLY B 285 -0.66 25.74 -4.18
C GLY B 285 0.67 25.85 -3.44
N LEU B 286 1.43 26.92 -3.70
CA LEU B 286 2.68 27.21 -3.00
C LEU B 286 2.52 28.35 -1.93
N LEU B 287 3.65 28.62 -1.27
CA LEU B 287 3.71 29.64 -0.23
C LEU B 287 4.70 30.74 -0.54
N THR B 288 4.25 31.89 -0.05
CA THR B 288 5.02 33.05 -0.15
C THR B 288 5.55 33.27 1.23
N THR B 289 6.85 33.28 1.29
CA THR B 289 7.35 33.42 2.61
C THR B 289 8.58 34.30 2.60
N ILE B 290 8.95 34.73 3.82
CA ILE B 290 10.06 35.59 4.09
C ILE B 290 11.30 34.77 4.24
N ALA B 291 12.30 35.21 3.51
CA ALA B 291 13.60 34.62 3.50
C ALA B 291 14.73 35.67 3.80
N CYS B 292 15.95 35.30 3.40
CA CYS B 292 17.14 36.08 3.57
C CYS B 292 17.85 36.59 2.37
N GLY B 293 17.99 37.89 2.37
CA GLY B 293 18.80 38.51 1.37
C GLY B 293 20.24 38.29 1.81
N PRO B 294 21.17 38.71 1.01
CA PRO B 294 22.58 38.57 1.32
C PRO B 294 23.10 39.24 2.58
N THR B 295 22.27 39.88 3.39
CA THR B 295 22.92 40.48 4.53
C THR B 295 22.22 40.10 5.82
N GLY B 296 21.06 39.46 5.70
CA GLY B 296 20.26 39.06 6.88
C GLY B 296 18.95 39.82 6.82
N GLU B 297 18.90 40.49 5.67
CA GLU B 297 17.81 41.33 5.30
C GLU B 297 16.73 40.66 4.52
N VAL B 298 15.48 41.00 4.95
CA VAL B 298 14.25 40.49 4.36
C VAL B 298 14.40 40.29 2.86
N ASN B 299 13.88 39.11 2.47
CA ASN B 299 13.87 38.69 1.10
C ASN B 299 12.61 37.93 0.93
N TYR B 300 12.37 37.50 -0.27
CA TYR B 300 11.15 36.79 -0.47
C TYR B 300 11.38 35.49 -1.09
N ALA B 301 10.40 34.61 -0.90
CA ALA B 301 10.51 33.27 -1.44
C ALA B 301 9.26 32.43 -1.55
N LEU B 302 9.39 31.65 -2.63
CA LEU B 302 8.46 30.64 -3.07
C LEU B 302 8.77 29.32 -2.46
N GLU B 303 7.85 28.90 -1.64
CA GLU B 303 8.02 27.62 -0.96
C GLU B 303 6.94 26.54 -1.16
N GLY B 304 7.42 25.30 -1.31
CA GLY B 304 6.61 24.08 -1.43
C GLY B 304 6.94 23.17 -0.23
N ALA B 305 6.03 23.04 0.67
CA ALA B 305 6.34 22.18 1.77
C ALA B 305 5.69 20.87 1.53
N VAL B 306 6.49 19.83 1.74
CA VAL B 306 6.07 18.46 1.57
C VAL B 306 6.17 17.74 2.92
N PHE B 307 5.05 17.32 3.46
CA PHE B 307 5.11 16.73 4.79
C PHE B 307 5.90 15.46 5.05
N MET B 308 5.79 14.45 4.17
CA MET B 308 6.43 13.16 4.37
C MET B 308 7.55 12.82 3.41
N ALA B 309 8.78 12.64 3.96
CA ALA B 309 9.94 12.24 3.15
C ALA B 309 10.81 11.23 3.88
N GLY B 310 11.66 11.81 4.72
CA GLY B 310 12.50 10.96 5.52
C GLY B 310 11.60 10.02 6.31
N ALA B 311 10.59 10.63 6.83
CA ALA B 311 9.62 9.93 7.58
C ALA B 311 9.09 8.63 6.95
N SER B 312 8.80 8.70 5.64
CA SER B 312 8.26 7.55 4.97
C SER B 312 9.29 6.45 5.16
N ILE B 313 10.52 6.81 4.91
CA ILE B 313 11.56 5.83 5.16
C ILE B 313 11.65 5.38 6.64
N GLN B 314 11.53 6.26 7.59
CA GLN B 314 11.62 5.68 8.94
C GLN B 314 10.47 4.75 9.28
N TRP B 315 9.37 5.09 8.64
CA TRP B 315 8.18 4.33 8.81
C TRP B 315 8.42 2.92 8.39
N LEU B 316 9.08 2.92 7.28
CA LEU B 316 9.50 1.72 6.70
C LEU B 316 10.35 0.92 7.68
N ARG B 317 11.30 1.64 8.25
CA ARG B 317 12.20 0.98 9.14
C ARG B 317 11.59 0.74 10.49
N ASP B 318 10.99 1.74 11.06
CA ASP B 318 10.46 1.51 12.38
C ASP B 318 9.18 0.77 12.51
N GLU B 319 8.26 0.96 11.58
CA GLU B 319 6.96 0.28 11.75
C GLU B 319 6.64 -0.97 10.88
N MET B 320 7.09 -0.96 9.61
CA MET B 320 6.89 -2.06 8.69
C MET B 320 7.96 -3.10 8.91
N LYS B 321 9.15 -2.56 9.21
CA LYS B 321 10.36 -3.30 9.53
C LYS B 321 10.94 -3.99 8.34
N LEU B 322 10.70 -3.41 7.21
CA LEU B 322 11.22 -3.97 6.02
C LEU B 322 12.67 -3.68 5.94
N ILE B 323 13.12 -2.74 6.74
CA ILE B 323 14.51 -2.41 6.77
C ILE B 323 15.00 -2.08 8.16
N ASN B 324 16.34 -1.85 8.26
CA ASN B 324 16.95 -1.61 9.56
C ASN B 324 17.64 -0.27 9.69
N ASP B 325 18.01 0.22 8.50
CA ASP B 325 18.75 1.41 8.12
C ASP B 325 18.06 2.17 7.07
N ALA B 326 17.93 3.49 7.22
CA ALA B 326 17.44 4.19 6.06
C ALA B 326 18.47 3.95 4.99
N TYR B 327 19.66 3.84 5.48
CA TYR B 327 20.77 3.54 4.65
C TYR B 327 20.41 2.46 3.63
N ASP B 328 20.02 1.27 4.19
CA ASP B 328 19.66 0.05 3.47
C ASP B 328 18.70 0.14 2.31
N SER B 329 17.81 1.06 2.51
CA SER B 329 16.80 1.35 1.55
C SER B 329 17.35 1.29 0.09
N GLU B 330 18.55 1.76 -0.20
CA GLU B 330 19.03 1.73 -1.60
C GLU B 330 19.35 0.29 -2.18
N TYR B 331 20.10 -0.47 -1.40
CA TYR B 331 20.56 -1.77 -1.70
C TYR B 331 19.42 -2.67 -2.04
N PHE B 332 18.35 -2.42 -1.28
CA PHE B 332 17.10 -3.15 -1.53
C PHE B 332 16.40 -2.79 -2.81
N ALA B 333 16.32 -1.47 -2.98
CA ALA B 333 15.69 -0.80 -4.05
C ALA B 333 16.37 -1.19 -5.32
N THR B 334 17.65 -1.39 -5.17
CA THR B 334 18.44 -1.70 -6.33
C THR B 334 18.38 -3.12 -6.71
N LYS B 335 17.89 -3.86 -5.74
CA LYS B 335 17.72 -5.26 -5.92
C LYS B 335 16.72 -5.42 -7.07
N VAL B 336 15.61 -4.73 -7.03
CA VAL B 336 14.71 -4.86 -8.16
C VAL B 336 15.03 -3.89 -9.27
N GLN B 337 14.52 -4.18 -10.44
CA GLN B 337 14.75 -3.32 -11.60
C GLN B 337 13.85 -2.08 -11.76
N ASN B 338 12.64 -2.22 -11.24
CA ASN B 338 11.62 -1.23 -11.30
C ASN B 338 10.64 -1.44 -10.16
N THR B 339 9.70 -0.47 -10.00
CA THR B 339 8.70 -0.51 -8.95
C THR B 339 7.65 -1.58 -9.17
N ASN B 340 7.70 -2.28 -10.34
CA ASN B 340 6.73 -3.35 -10.58
C ASN B 340 5.25 -2.84 -10.71
N GLY B 341 5.12 -1.54 -10.99
CA GLY B 341 3.87 -0.81 -11.20
C GLY B 341 3.28 -0.15 -9.97
N VAL B 342 3.93 -0.41 -8.86
CA VAL B 342 3.58 0.00 -7.53
C VAL B 342 3.79 1.47 -7.35
N TYR B 343 2.98 2.09 -6.50
CA TYR B 343 3.04 3.50 -6.12
C TYR B 343 2.64 3.60 -4.62
N VAL B 344 3.47 4.32 -3.88
CA VAL B 344 3.24 4.60 -2.47
C VAL B 344 2.83 6.02 -2.25
N VAL B 345 1.77 6.30 -1.51
CA VAL B 345 1.49 7.72 -1.32
C VAL B 345 1.58 8.04 0.12
N PRO B 346 2.64 8.79 0.44
CA PRO B 346 3.02 9.27 1.78
C PRO B 346 2.11 10.35 2.38
N ALA B 347 0.84 10.09 2.43
CA ALA B 347 -0.10 11.06 2.95
C ALA B 347 -0.52 10.70 4.35
N PHE B 348 0.44 10.20 5.09
CA PHE B 348 0.21 9.80 6.45
C PHE B 348 -0.50 10.83 7.29
N THR B 349 -0.37 12.10 6.89
CA THR B 349 -0.88 13.35 7.49
C THR B 349 -1.68 14.19 6.50
N GLY B 350 -2.23 13.53 5.50
CA GLY B 350 -2.85 14.33 4.48
C GLY B 350 -1.71 14.82 3.66
N LEU B 351 -2.08 15.63 2.71
CA LEU B 351 -1.24 16.09 1.69
C LEU B 351 -0.42 17.33 1.83
N GLY B 352 -0.97 18.50 1.72
CA GLY B 352 0.21 19.39 1.66
C GLY B 352 0.58 19.88 0.28
N ALA B 353 1.77 20.53 0.11
CA ALA B 353 1.79 21.11 -1.21
C ALA B 353 1.97 20.08 -2.28
N PRO B 354 1.51 20.56 -3.55
CA PRO B 354 0.55 21.65 -3.92
C PRO B 354 -0.94 21.41 -3.54
N TYR B 355 -1.08 20.19 -3.19
CA TYR B 355 -2.42 19.74 -2.93
C TYR B 355 -3.10 20.36 -1.75
N TRP B 356 -2.53 20.17 -0.60
CA TRP B 356 -3.19 20.74 0.55
C TRP B 356 -4.51 20.08 0.91
N ASP B 357 -4.45 18.73 0.98
CA ASP B 357 -5.61 17.93 1.32
C ASP B 357 -5.43 17.34 2.67
N PRO B 358 -6.16 17.80 3.59
CA PRO B 358 -6.09 17.30 4.92
C PRO B 358 -6.77 16.00 5.10
N TYR B 359 -7.46 15.53 4.06
CA TYR B 359 -8.16 14.26 4.15
C TYR B 359 -7.52 13.08 3.53
N ALA B 360 -6.57 13.41 2.69
CA ALA B 360 -5.68 12.43 2.13
C ALA B 360 -5.19 11.50 3.27
N ARG B 361 -5.05 10.17 3.00
CA ARG B 361 -4.45 9.21 3.92
C ARG B 361 -3.40 8.48 3.14
N GLY B 362 -2.34 7.99 3.73
CA GLY B 362 -1.38 7.28 2.90
C GLY B 362 -1.97 5.99 2.24
N ALA B 363 -1.38 5.61 1.11
CA ALA B 363 -1.84 4.41 0.47
C ALA B 363 -0.89 3.86 -0.50
N ILE B 364 -1.09 2.60 -0.75
CA ILE B 364 -0.23 1.90 -1.65
C ILE B 364 -1.00 1.42 -2.81
N PHE B 365 -0.38 1.48 -3.99
CA PHE B 365 -1.08 1.10 -5.21
C PHE B 365 -0.44 0.18 -6.27
N GLY B 366 -1.36 -0.50 -7.06
CA GLY B 366 -1.08 -1.43 -8.18
C GLY B 366 -0.43 -2.79 -7.81
N LEU B 367 -0.92 -3.38 -6.68
CA LEU B 367 -0.40 -4.59 -6.14
C LEU B 367 -0.79 -5.73 -7.02
N THR B 368 0.21 -6.57 -7.09
CA THR B 368 0.18 -7.73 -7.91
C THR B 368 0.82 -8.84 -7.17
N ARG B 369 0.32 -10.05 -7.36
CA ARG B 369 0.81 -11.21 -6.62
C ARG B 369 2.32 -11.36 -6.57
N GLY B 370 3.02 -10.97 -7.62
CA GLY B 370 4.44 -11.10 -7.60
C GLY B 370 5.20 -9.91 -7.03
N VAL B 371 4.51 -8.90 -6.51
CA VAL B 371 5.21 -7.76 -5.94
C VAL B 371 5.79 -8.10 -4.55
N ASN B 372 6.96 -7.55 -4.25
CA ASN B 372 7.57 -7.78 -2.95
C ASN B 372 8.09 -6.56 -2.17
N ALA B 373 8.55 -6.82 -0.93
CA ALA B 373 9.08 -5.80 -0.09
C ALA B 373 10.03 -4.87 -0.82
N ASN B 374 10.80 -5.42 -1.71
CA ASN B 374 11.70 -4.48 -2.32
C ASN B 374 10.99 -3.48 -3.14
N HIS B 375 10.12 -3.97 -4.02
CA HIS B 375 9.27 -3.11 -4.81
C HIS B 375 8.70 -2.09 -3.88
N ILE B 376 7.96 -2.50 -2.83
CA ILE B 376 7.49 -1.52 -1.85
C ILE B 376 8.50 -0.46 -1.42
N ILE B 377 9.67 -0.94 -1.03
CA ILE B 377 10.68 -0.03 -0.56
C ILE B 377 10.99 1.00 -1.60
N ARG B 378 11.39 0.47 -2.71
CA ARG B 378 11.74 1.31 -3.80
C ARG B 378 10.74 2.42 -4.03
N ALA B 379 9.49 1.97 -4.20
CA ALA B 379 8.41 2.87 -4.46
C ALA B 379 8.44 4.01 -3.46
N THR B 380 8.68 3.65 -2.22
CA THR B 380 8.71 4.61 -1.16
C THR B 380 9.72 5.66 -1.50
N LEU B 381 10.91 5.29 -1.89
CA LEU B 381 11.82 6.36 -2.31
C LEU B 381 11.30 7.14 -3.52
N GLU B 382 10.90 6.44 -4.53
CA GLU B 382 10.37 7.09 -5.67
C GLU B 382 9.37 8.14 -5.26
N SER B 383 8.48 7.85 -4.35
CA SER B 383 7.51 8.89 -4.03
C SER B 383 8.14 10.19 -3.73
N ILE B 384 9.22 10.13 -2.94
CA ILE B 384 9.93 11.34 -2.57
C ILE B 384 10.33 12.18 -3.78
N ALA B 385 10.62 11.53 -4.88
CA ALA B 385 10.91 12.27 -6.07
C ALA B 385 9.65 12.87 -6.71
N TYR B 386 8.58 12.02 -6.88
CA TYR B 386 7.36 12.47 -7.52
C TYR B 386 6.90 13.78 -6.97
N GLN B 387 6.86 13.65 -5.67
CA GLN B 387 6.51 14.69 -4.77
C GLN B 387 7.28 15.97 -5.12
N THR B 388 8.61 15.88 -5.12
CA THR B 388 9.44 16.98 -5.50
C THR B 388 9.11 17.57 -6.87
N ARG B 389 8.73 16.74 -7.81
CA ARG B 389 8.49 17.36 -9.09
C ARG B 389 7.17 18.10 -9.06
N ASP B 390 6.24 17.46 -8.36
CA ASP B 390 4.92 18.02 -8.19
C ASP B 390 5.01 19.52 -8.05
N VAL B 391 5.80 19.77 -7.05
CA VAL B 391 6.01 21.09 -6.70
C VAL B 391 6.94 21.71 -7.69
N LEU B 392 8.00 21.03 -8.05
CA LEU B 392 8.84 21.72 -8.96
C LEU B 392 8.05 22.45 -10.01
N GLU B 393 7.08 21.74 -10.57
CA GLU B 393 6.23 22.31 -11.61
C GLU B 393 5.52 23.59 -11.23
N ALA B 394 4.86 23.55 -10.09
CA ALA B 394 4.18 24.77 -9.65
C ALA B 394 5.15 25.97 -9.56
N MET B 395 6.32 25.68 -9.00
CA MET B 395 7.32 26.68 -8.87
C MET B 395 7.48 27.25 -10.22
N GLN B 396 7.86 26.40 -11.14
CA GLN B 396 8.01 26.95 -12.46
C GLN B 396 6.82 27.81 -12.77
N ALA B 397 5.63 27.21 -12.72
CA ALA B 397 4.36 27.89 -12.98
C ALA B 397 4.34 29.32 -12.45
N ASP B 398 4.30 29.40 -11.13
CA ASP B 398 4.39 30.63 -10.40
C ASP B 398 5.69 31.34 -10.78
N SER B 399 6.80 30.82 -10.34
CA SER B 399 8.03 31.46 -10.70
C SER B 399 8.07 31.89 -12.17
N GLY B 400 7.43 31.24 -13.08
CA GLY B 400 7.66 31.73 -14.40
C GLY B 400 9.16 31.57 -14.75
N ILE B 401 9.82 30.54 -14.20
CA ILE B 401 11.23 30.22 -14.44
C ILE B 401 11.50 28.73 -14.75
N ARG B 402 12.62 28.44 -15.44
CA ARG B 402 13.04 27.08 -15.79
C ARG B 402 14.29 26.65 -15.10
N LEU B 403 14.15 25.84 -14.08
CA LEU B 403 15.34 25.44 -13.41
C LEU B 403 16.14 24.51 -14.25
N HIS B 404 17.39 24.83 -14.50
CA HIS B 404 18.07 23.88 -15.32
C HIS B 404 18.77 22.92 -14.44
N ALA B 405 18.92 23.40 -13.21
CA ALA B 405 19.58 22.67 -12.17
C ALA B 405 18.99 22.92 -10.85
N LEU B 406 18.92 21.82 -10.12
CA LEU B 406 18.39 21.87 -8.79
C LEU B 406 19.47 21.59 -7.74
N ARG B 407 19.54 22.42 -6.76
CA ARG B 407 20.53 22.21 -5.75
C ARG B 407 19.87 21.63 -4.48
N VAL B 408 20.14 20.39 -4.27
CA VAL B 408 19.56 19.73 -3.15
C VAL B 408 20.49 19.76 -1.97
N ASP B 409 20.00 19.11 -0.98
CA ASP B 409 20.68 18.96 0.26
C ASP B 409 19.70 18.27 1.20
N GLY B 410 20.27 17.77 2.29
CA GLY B 410 19.54 16.97 3.24
C GLY B 410 20.15 15.54 3.25
N GLY B 411 19.78 14.75 4.31
CA GLY B 411 20.25 13.39 4.58
C GLY B 411 20.19 12.47 3.38
N ALA B 412 18.99 12.36 2.95
CA ALA B 412 18.82 11.51 1.84
C ALA B 412 19.66 11.81 0.66
N VAL B 413 20.19 13.03 0.54
CA VAL B 413 20.91 13.30 -0.74
C VAL B 413 22.08 12.33 -0.89
N ALA B 414 22.40 11.69 0.25
CA ALA B 414 23.39 10.62 0.31
C ALA B 414 23.02 9.38 -0.60
N ASN B 415 21.68 9.07 -0.68
CA ASN B 415 21.13 8.06 -1.51
C ASN B 415 21.25 8.40 -3.00
N ASN B 416 22.20 7.68 -3.58
CA ASN B 416 22.52 7.89 -4.96
C ASN B 416 21.39 7.47 -5.79
N PHE B 417 20.91 6.27 -5.54
CA PHE B 417 19.78 5.80 -6.29
C PHE B 417 18.76 6.93 -6.46
N LEU B 418 18.40 7.38 -5.29
CA LEU B 418 17.55 8.48 -5.14
C LEU B 418 17.94 9.65 -6.02
N MET B 419 19.04 10.29 -5.64
CA MET B 419 19.44 11.44 -6.41
C MET B 419 19.32 11.18 -7.86
N GLN B 420 19.81 10.05 -8.26
CA GLN B 420 19.74 9.78 -9.65
C GLN B 420 18.34 9.72 -10.16
N PHE B 421 17.54 8.79 -9.57
CA PHE B 421 16.12 8.70 -9.93
C PHE B 421 15.47 10.08 -10.07
N GLN B 422 15.75 10.92 -9.00
CA GLN B 422 15.21 12.26 -8.85
C GLN B 422 15.50 13.10 -10.07
N SER B 423 16.76 13.06 -10.53
CA SER B 423 17.17 13.77 -11.75
C SER B 423 16.46 13.19 -12.95
N ASP B 424 16.43 11.89 -13.05
CA ASP B 424 15.78 11.23 -14.16
C ASP B 424 14.30 11.67 -14.36
N ILE B 425 13.56 11.78 -13.27
CA ILE B 425 12.13 12.14 -13.26
C ILE B 425 11.88 13.62 -13.41
N LEU B 426 12.90 14.36 -13.10
CA LEU B 426 12.73 15.76 -13.17
C LEU B 426 13.04 16.21 -14.54
N GLY B 427 13.92 15.40 -15.17
CA GLY B 427 14.50 15.65 -16.49
C GLY B 427 15.41 16.89 -16.36
N THR B 428 15.94 17.04 -15.13
CA THR B 428 16.79 18.17 -14.78
C THR B 428 18.00 17.77 -13.95
N ARG B 429 19.08 18.56 -14.05
CA ARG B 429 20.28 18.19 -13.36
C ARG B 429 20.25 18.56 -11.89
N VAL B 430 20.85 17.66 -11.19
CA VAL B 430 20.91 17.76 -9.78
C VAL B 430 22.33 17.95 -9.29
N GLU B 431 22.45 18.83 -8.32
CA GLU B 431 23.75 19.16 -7.75
C GLU B 431 23.84 19.03 -6.25
N ARG B 432 24.68 18.08 -5.92
CA ARG B 432 24.97 17.78 -4.58
C ARG B 432 26.29 18.47 -4.17
N PRO B 433 26.12 19.31 -3.19
CA PRO B 433 27.19 20.09 -2.57
C PRO B 433 28.31 19.27 -1.90
N GLU B 434 29.54 19.83 -1.80
CA GLU B 434 30.65 19.17 -1.11
C GLU B 434 30.38 19.05 0.38
N VAL B 435 29.82 20.09 0.97
CA VAL B 435 29.52 20.11 2.40
C VAL B 435 28.13 19.57 2.69
N ARG B 436 27.80 19.30 3.96
CA ARG B 436 26.46 18.73 4.14
C ARG B 436 25.47 19.40 5.11
N GLU B 437 25.92 20.23 6.04
CA GLU B 437 24.98 20.89 6.94
C GLU B 437 24.71 22.29 6.44
N VAL B 438 24.19 22.36 5.27
CA VAL B 438 23.94 23.64 4.72
C VAL B 438 23.13 24.44 5.67
N THR B 439 22.26 23.74 6.37
CA THR B 439 21.45 24.46 7.32
C THR B 439 22.34 25.20 8.32
N ALA B 440 23.06 24.49 9.23
CA ALA B 440 23.97 25.13 10.22
C ALA B 440 24.75 26.26 9.50
N LEU B 441 25.46 25.86 8.45
CA LEU B 441 26.14 26.79 7.59
C LEU B 441 25.49 28.16 7.60
N GLY B 442 24.33 28.14 6.96
CA GLY B 442 23.53 29.31 6.79
C GLY B 442 23.47 30.11 8.08
N ALA B 443 23.12 29.44 9.16
CA ALA B 443 22.98 30.17 10.37
C ALA B 443 24.27 30.69 10.91
N ALA B 444 25.30 29.94 10.66
CA ALA B 444 26.55 30.40 11.15
C ALA B 444 26.93 31.61 10.31
N TYR B 445 26.74 31.60 8.99
CA TYR B 445 27.08 32.85 8.33
C TYR B 445 26.36 33.99 9.02
N LEU B 446 25.20 34.27 8.49
CA LEU B 446 24.25 35.17 9.04
C LEU B 446 24.69 35.85 10.32
N ALA B 447 24.95 35.01 11.36
CA ALA B 447 25.39 35.43 12.69
C ALA B 447 26.74 36.13 12.62
N GLY B 448 27.68 35.40 12.10
CA GLY B 448 29.01 35.92 11.96
C GLY B 448 28.99 37.16 11.12
N LEU B 449 28.13 37.13 10.16
CA LEU B 449 27.97 38.23 9.28
C LEU B 449 27.55 39.45 10.07
N ALA B 450 26.55 39.21 10.87
CA ALA B 450 25.96 40.21 11.69
C ALA B 450 27.00 40.89 12.49
N VAL B 451 27.86 40.04 12.98
CA VAL B 451 28.94 40.43 13.87
C VAL B 451 30.25 40.83 13.13
N GLY B 452 30.09 41.05 11.81
CA GLY B 452 31.18 41.39 10.94
C GLY B 452 32.32 40.42 11.18
N PHE B 453 32.02 39.11 11.12
CA PHE B 453 33.02 38.04 11.28
C PHE B 453 33.35 37.71 9.87
N TRP B 454 32.39 38.14 9.11
CA TRP B 454 32.48 38.07 7.72
C TRP B 454 32.03 39.41 7.25
N GLN B 455 32.51 39.72 6.09
CA GLN B 455 32.22 40.96 5.40
C GLN B 455 32.00 40.51 3.92
N ASN B 456 30.86 39.86 3.55
CA ASN B 456 30.58 39.31 2.17
C ASN B 456 30.36 37.80 2.30
N LEU B 457 29.69 37.31 1.32
CA LEU B 457 29.42 35.95 1.20
C LEU B 457 30.44 35.40 0.27
N ASP B 458 30.97 36.24 -0.62
CA ASP B 458 31.93 35.73 -1.60
C ASP B 458 33.23 35.21 -0.92
N GLU B 459 33.20 35.09 0.40
CA GLU B 459 34.31 34.55 1.20
C GLU B 459 34.02 33.13 1.70
N LEU B 460 32.85 32.65 1.33
CA LEU B 460 32.36 31.34 1.70
C LEU B 460 31.70 30.72 0.50
N GLN B 461 31.96 31.39 -0.62
CA GLN B 461 31.45 30.97 -1.92
C GLN B 461 32.29 29.81 -2.38
N GLU B 462 33.23 29.50 -1.48
CA GLU B 462 34.15 28.44 -1.67
C GLU B 462 33.54 27.17 -1.15
N LYS B 463 32.84 27.25 -0.02
CA LYS B 463 32.17 26.09 0.56
C LYS B 463 31.02 25.58 -0.28
N ALA B 464 30.81 26.29 -1.36
CA ALA B 464 29.78 25.92 -2.29
C ALA B 464 30.43 25.15 -3.41
N VAL B 465 31.10 24.11 -3.00
CA VAL B 465 31.65 23.22 -3.93
C VAL B 465 30.61 22.20 -4.27
N ILE B 466 30.43 21.90 -5.55
CA ILE B 466 29.49 20.86 -5.87
C ILE B 466 30.13 19.50 -5.81
N GLU B 467 29.66 18.64 -4.94
CA GLU B 467 30.29 17.36 -5.00
C GLU B 467 29.79 16.50 -6.14
N ARG B 468 28.49 16.51 -6.41
CA ARG B 468 28.04 15.63 -7.48
C ARG B 468 26.98 16.17 -8.44
N GLU B 469 27.18 15.96 -9.73
CA GLU B 469 26.13 16.44 -10.62
C GLU B 469 25.46 15.26 -11.23
N PHE B 470 24.14 15.25 -11.06
CA PHE B 470 23.32 14.18 -11.58
C PHE B 470 22.57 14.58 -12.79
N ARG B 471 22.87 13.87 -13.85
CA ARG B 471 22.24 14.10 -15.10
C ARG B 471 21.13 13.10 -15.34
N PRO B 472 20.07 13.56 -15.91
CA PRO B 472 18.95 12.73 -16.27
C PRO B 472 19.32 11.69 -17.28
N GLY B 473 18.74 10.53 -17.27
CA GLY B 473 19.16 9.63 -18.32
C GLY B 473 18.04 8.79 -18.92
N ILE B 474 16.83 9.34 -18.84
CA ILE B 474 15.56 8.71 -19.22
C ILE B 474 14.73 9.40 -20.31
N GLU B 475 14.16 8.65 -21.22
CA GLU B 475 13.38 9.35 -22.21
C GLU B 475 12.08 9.88 -21.68
N THR B 476 11.73 10.94 -22.36
CA THR B 476 10.59 11.77 -22.13
C THR B 476 9.35 10.94 -21.90
N THR B 477 8.89 10.24 -22.86
CA THR B 477 7.85 9.31 -22.52
C THR B 477 8.07 8.77 -21.11
N GLU B 478 8.96 7.78 -21.10
CA GLU B 478 9.40 7.11 -19.92
C GLU B 478 8.98 7.92 -18.71
N ARG B 479 9.59 9.08 -18.67
CA ARG B 479 9.24 10.05 -17.68
C ARG B 479 7.75 10.24 -17.43
N ASN B 480 7.13 10.91 -18.41
CA ASN B 480 5.69 11.24 -18.32
C ASN B 480 4.82 10.03 -18.05
N TYR B 481 5.27 8.95 -18.64
CA TYR B 481 4.61 7.75 -18.35
C TYR B 481 4.53 7.63 -16.86
N ARG B 482 5.67 7.51 -16.20
CA ARG B 482 5.61 7.42 -14.75
C ARG B 482 4.72 8.42 -14.06
N TYR B 483 5.18 9.65 -14.09
CA TYR B 483 4.45 10.72 -13.43
C TYR B 483 2.91 10.56 -13.49
N ALA B 484 2.44 10.13 -14.65
CA ALA B 484 1.02 9.94 -14.82
C ALA B 484 0.47 8.99 -13.76
N GLY B 485 0.99 7.76 -13.80
CA GLY B 485 0.52 6.80 -12.86
C GLY B 485 0.59 7.38 -11.48
N TRP B 486 1.64 8.17 -11.32
CA TRP B 486 1.88 8.80 -10.05
C TRP B 486 0.73 9.70 -9.70
N LYS B 487 0.21 10.41 -10.68
CA LYS B 487 -0.89 11.24 -10.22
C LYS B 487 -2.19 10.46 -10.09
N LYS B 488 -2.30 9.42 -10.87
CA LYS B 488 -3.47 8.61 -10.73
C LYS B 488 -3.64 8.30 -9.26
N ALA B 489 -2.51 7.92 -8.76
CA ALA B 489 -2.42 7.44 -7.44
C ALA B 489 -2.94 8.45 -6.47
N VAL B 490 -2.34 9.60 -6.50
CA VAL B 490 -2.70 10.66 -5.61
C VAL B 490 -4.15 11.02 -5.51
N LYS B 491 -4.74 11.21 -6.73
CA LYS B 491 -6.15 11.51 -6.78
C LYS B 491 -6.83 10.51 -5.94
N ARG B 492 -6.49 9.22 -6.22
CA ARG B 492 -7.09 8.15 -5.44
C ARG B 492 -6.81 8.29 -3.95
N ALA B 493 -5.67 8.80 -3.59
CA ALA B 493 -5.40 8.91 -2.20
C ALA B 493 -6.16 10.03 -1.59
N MET B 494 -6.32 11.15 -2.34
CA MET B 494 -7.03 12.30 -1.73
C MET B 494 -8.42 12.10 -1.19
N ALA B 495 -8.72 12.89 -0.13
CA ALA B 495 -10.03 12.90 0.48
C ALA B 495 -10.44 11.56 1.03
N TRP B 496 -9.64 10.98 1.92
CA TRP B 496 -9.94 9.65 2.39
C TRP B 496 -10.70 9.77 3.67
N GLU B 497 -10.11 10.65 4.46
CA GLU B 497 -10.65 10.90 5.73
C GLU B 497 -11.98 11.55 5.53
N GLU B 498 -12.89 11.02 6.31
CA GLU B 498 -14.29 11.40 6.41
C GLU B 498 -14.60 12.64 7.27
N HIS B 499 -15.10 13.74 6.71
CA HIS B 499 -15.42 14.78 7.69
C HIS B 499 -16.95 14.97 7.73
#